data_6Q2F
#
_entry.id   6Q2F
#
_cell.length_a   80.809
_cell.length_b   114.570
_cell.length_c   158.797
_cell.angle_alpha   90.000
_cell.angle_beta   90.000
_cell.angle_gamma   90.000
#
_symmetry.space_group_name_H-M   'P 2 21 21'
#
loop_
_entity.id
_entity.type
_entity.pdbx_description
1 polymer 'Glycoside hydrolase family protein'
2 non-polymer 'SODIUM ION'
3 water water
#
_entity_poly.entity_id   1
_entity_poly.type   'polypeptide(L)'
_entity_poly.pdbx_seq_one_letter_code
;(MSE)PRLSLRIVLCLATALSTLPVHAESRDDAAEVAPSTRPEPSLEQAFKDPPSSARPRVWWHW(MSE)NGNITKDGIR
KDLEW(MSE)KRVGIGGLQNFDANLQTPQIVDHRLVY(MSE)TPEWKDAFRFAAHEADRLDLELAIAASPGWSETGGPWV
KPQDGLKKLVWSETTLAGGQRFVGRLASPPGTTGPFQTLHPPVTIEEIISGVPAETGGVSYAGEVGVLAFPVPDIASLPV
PRALDGAGNVLAGKALVDADIAGGVTLARVDGKAPLLRLDYQRPVTVRSATVFVPNVRIPFAGAAFAGTLESSQDGKTWT
PIKALELSNVPTTISFAPVEAAHFRLVLNPGQPDAALGSPAPGVAGNDLFGAIASKRAGQPI(MSE)VGQFELHSDALVD
RYETKAGFV(MSE)SRDYYALVGPHDNVTGVDPDSVIDLTDKLKADGTLDWAAPKLPAGQHWRVLRLGYSLLGTTNHPAP
PEATGLEVDKFDGEAVREYLEHYIG(MSE)YKDAAGPD(MSE)VGKRGVRALLTDSIEVGEANWTPR(MSE)LEQFQRLR
GYDARPWLPALTGTLVGTREQSDRFLYDYRRTLADLLASEHYGTVADVAHENDLKVYGEALEDHRP(MSE)LGDD(MSE)
A(MSE)RSHADIP(MSE)AALWTFNRDEGPRQTLIAD(MSE)KGAASVAHLYGQNLVAAES(MSE)TAS(MSE)APWAFA
PKDLKRFIDLEFVTGVNRPVIHTSVHVPVDDKKPGLSLAIFGQYFNRQESWAE(MSE)ARPWVDYIARSSLLLQTGRNVA
DVAYFYGEEAPLTGLYGDEPVADAPVRYAYDYINFNALTELLANDGEDLVAPSGARYKTIYLGGSSSH(MSE)TLAALRK
LAALVVGGATVVGKAPIATPSNTSAQEGDLTEWSSLVARLWPGSGDARVGKGRVIASQDIESALQA(MSE)DVAPDFTFT
GADAGVKIPFVHRRDGKGEIYYLVNQQEAAQSIEAHFRVTGKQPELWHPETGKSEPISYRISGGETVVPLHLDGDEAVFV
VFRKAAARDRVTLARQGERAVATLDGAWQVAFQADRGAPASIELARLEPLDKSADPGVKYFSGIATYSRNFRVTGKYGEG
RSLWLDLGRVGDLAQVSVNGVDVGTAWHAPYRLDIGKAVRKGQNTLEIRVANTWVNRLIGDQQEGAQKITWTA(MSE)PT
YRADAPLRPSGLIGPVRLIEETTGGHHHHHH
;
_entity_poly.pdbx_strand_id   A
#
# COMPACT_ATOMS: atom_id res chain seq x y z
N GLU A 39 33.30 -11.16 2.98
CA GLU A 39 34.45 -11.69 2.23
C GLU A 39 34.22 -11.83 0.70
N PRO A 40 33.09 -12.41 0.26
CA PRO A 40 32.91 -12.60 -1.19
C PRO A 40 32.82 -11.29 -1.93
N SER A 41 33.38 -11.27 -3.14
CA SER A 41 33.22 -10.13 -4.02
C SER A 41 31.76 -10.00 -4.46
N LEU A 42 31.45 -8.83 -5.02
CA LEU A 42 30.11 -8.65 -5.56
C LEU A 42 29.85 -9.62 -6.71
N GLU A 43 30.88 -9.94 -7.50
CA GLU A 43 30.72 -10.90 -8.59
C GLU A 43 30.37 -12.28 -8.06
N GLN A 44 31.03 -12.71 -6.99
CA GLN A 44 30.74 -14.02 -6.41
C GLN A 44 29.36 -14.02 -5.77
N ALA A 45 29.03 -12.97 -5.01
CA ALA A 45 27.69 -12.90 -4.43
C ALA A 45 26.63 -12.90 -5.52
N PHE A 46 26.90 -12.21 -6.63
CA PHE A 46 25.94 -12.19 -7.73
C PHE A 46 25.76 -13.57 -8.33
N LYS A 47 26.83 -14.37 -8.40
CA LYS A 47 26.67 -15.72 -8.90
C LYS A 47 25.80 -16.56 -7.95
N ASP A 48 26.06 -16.49 -6.64
CA ASP A 48 25.35 -17.27 -5.62
C ASP A 48 24.91 -16.36 -4.47
N PRO A 49 23.74 -15.75 -4.59
CA PRO A 49 23.36 -14.70 -3.64
C PRO A 49 23.29 -15.21 -2.22
N PRO A 50 23.62 -14.38 -1.24
CA PRO A 50 23.46 -14.77 0.16
C PRO A 50 22.00 -14.74 0.57
N SER A 51 21.74 -15.30 1.77
CA SER A 51 20.38 -15.37 2.32
C SER A 51 19.70 -14.00 2.33
N SER A 52 20.45 -12.96 2.70
CA SER A 52 19.87 -11.62 2.77
C SER A 52 19.30 -11.16 1.44
N ALA A 53 19.77 -11.71 0.33
CA ALA A 53 19.26 -11.31 -0.97
C ALA A 53 18.10 -12.17 -1.44
N ARG A 54 17.83 -13.27 -0.77
CA ARG A 54 16.88 -14.22 -1.31
C ARG A 54 15.45 -13.82 -0.91
N PRO A 55 14.49 -13.96 -1.82
CA PRO A 55 13.14 -13.46 -1.50
C PRO A 55 12.46 -14.33 -0.46
N ARG A 56 11.49 -13.73 0.19
CA ARG A 56 10.65 -14.42 1.16
C ARG A 56 9.33 -14.79 0.50
N VAL A 57 8.54 -15.63 1.18
CA VAL A 57 7.18 -15.90 0.76
C VAL A 57 6.23 -15.75 1.95
N TRP A 58 5.01 -15.36 1.67
CA TRP A 58 3.94 -15.53 2.63
C TRP A 58 3.51 -17.00 2.60
N TRP A 59 3.12 -17.50 3.77
CA TRP A 59 2.94 -18.95 3.97
C TRP A 59 1.68 -19.16 4.82
N HIS A 60 0.53 -19.10 4.16
CA HIS A 60 -0.75 -19.16 4.86
C HIS A 60 -1.10 -20.59 5.26
N TRP A 61 -1.48 -20.78 6.51
CA TRP A 61 -2.08 -22.01 6.98
C TRP A 61 -3.58 -21.90 6.81
N ASN A 63 -7.16 -22.54 7.32
CA ASN A 63 -8.32 -23.08 8.05
C ASN A 63 -7.98 -24.41 8.73
N GLY A 64 -6.85 -24.46 9.44
CA GLY A 64 -6.49 -25.66 10.15
C GLY A 64 -5.93 -26.79 9.30
N ASN A 65 -5.83 -26.62 7.98
CA ASN A 65 -5.25 -27.64 7.11
C ASN A 65 -3.74 -27.63 7.24
N ILE A 66 -3.23 -28.34 8.24
CA ILE A 66 -1.84 -28.23 8.70
C ILE A 66 -1.35 -29.59 9.13
N THR A 67 -0.16 -29.99 8.66
CA THR A 67 0.52 -31.14 9.24
C THR A 67 2.00 -30.83 9.35
N LYS A 68 2.66 -31.46 10.33
CA LYS A 68 4.11 -31.35 10.43
C LYS A 68 4.79 -31.96 9.21
N ASP A 69 4.26 -33.07 8.70
CA ASP A 69 4.84 -33.69 7.52
C ASP A 69 4.88 -32.70 6.36
N GLY A 70 3.79 -31.96 6.16
CA GLY A 70 3.74 -31.00 5.09
C GLY A 70 4.63 -29.79 5.34
N ILE A 71 4.76 -29.38 6.60
CA ILE A 71 5.59 -28.22 6.94
C ILE A 71 7.04 -28.48 6.54
N ARG A 72 7.53 -29.68 6.85
CA ARG A 72 8.89 -30.04 6.48
C ARG A 72 9.06 -30.04 4.97
N LYS A 73 8.13 -30.67 4.23
CA LYS A 73 8.25 -30.70 2.77
C LYS A 73 8.13 -29.32 2.17
N ASP A 74 7.25 -28.47 2.72
CA ASP A 74 7.22 -27.06 2.32
C ASP A 74 8.57 -26.41 2.48
N LEU A 75 9.16 -26.52 3.68
CA LEU A 75 10.38 -25.75 3.94
C LEU A 75 11.58 -26.37 3.22
N GLU A 76 11.56 -27.69 3.01
CA GLU A 76 12.61 -28.30 2.20
C GLU A 76 12.48 -27.88 0.74
N TRP A 77 11.25 -27.73 0.23
CA TRP A 77 11.08 -27.20 -1.12
C TRP A 77 11.66 -25.80 -1.24
N LYS A 79 14.03 -24.38 0.43
CA LYS A 79 15.49 -24.46 0.34
C LYS A 79 15.93 -24.85 -1.06
N ARG A 80 15.33 -25.91 -1.63
CA ARG A 80 15.73 -26.36 -2.97
C ARG A 80 15.66 -25.22 -3.97
N VAL A 81 14.62 -24.38 -3.85
CA VAL A 81 14.28 -23.36 -4.82
C VAL A 81 14.93 -22.01 -4.50
N GLY A 82 15.66 -21.91 -3.40
CA GLY A 82 16.41 -20.72 -3.05
C GLY A 82 15.65 -19.63 -2.33
N ILE A 83 14.56 -19.95 -1.66
CA ILE A 83 13.78 -18.96 -0.93
C ILE A 83 14.48 -18.67 0.38
N GLY A 84 14.47 -17.41 0.81
CA GLY A 84 15.24 -17.02 1.98
C GLY A 84 14.45 -16.96 3.27
N GLY A 85 13.13 -17.03 3.19
CA GLY A 85 12.35 -16.93 4.40
C GLY A 85 10.88 -16.99 4.09
N LEU A 86 10.08 -16.96 5.16
CA LEU A 86 8.66 -17.20 5.01
C LEU A 86 7.93 -16.52 6.15
N GLN A 87 6.71 -16.09 5.89
CA GLN A 87 5.94 -15.31 6.84
C GLN A 87 4.61 -16.01 7.03
N ASN A 88 4.42 -16.61 8.20
CA ASN A 88 3.29 -17.47 8.47
C ASN A 88 2.04 -16.67 8.82
N PHE A 89 0.88 -17.17 8.39
CA PHE A 89 -0.42 -16.69 8.82
C PHE A 89 -1.30 -17.88 9.13
N ASP A 90 -1.98 -17.84 10.27
CA ASP A 90 -3.07 -18.80 10.52
C ASP A 90 -4.35 -18.12 10.05
N ALA A 91 -4.83 -18.49 8.86
CA ALA A 91 -5.91 -17.78 8.18
C ALA A 91 -7.20 -18.58 8.29
N ASN A 92 -8.21 -18.00 8.96
CA ASN A 92 -9.48 -18.68 9.21
C ASN A 92 -10.48 -18.36 8.10
N LEU A 93 -10.10 -18.70 6.87
CA LEU A 93 -10.97 -18.58 5.72
C LEU A 93 -11.52 -19.96 5.39
N GLN A 94 -12.82 -20.03 5.14
CA GLN A 94 -13.49 -21.30 4.89
C GLN A 94 -12.82 -22.08 3.76
N THR A 95 -12.28 -23.26 4.09
CA THR A 95 -11.49 -24.08 3.19
C THR A 95 -11.87 -25.53 3.43
N PRO A 96 -12.07 -26.33 2.37
CA PRO A 96 -12.41 -27.74 2.58
C PRO A 96 -11.33 -28.44 3.39
N GLN A 97 -11.79 -29.38 4.22
CA GLN A 97 -10.88 -30.15 5.06
C GLN A 97 -10.28 -31.27 4.21
N ILE A 98 -8.98 -31.21 4.00
CA ILE A 98 -8.25 -32.25 3.28
C ILE A 98 -7.24 -32.93 4.18
N VAL A 99 -7.20 -32.56 5.45
CA VAL A 99 -6.43 -33.29 6.42
C VAL A 99 -7.38 -34.14 7.26
N ASP A 100 -6.80 -35.14 7.91
CA ASP A 100 -7.55 -36.02 8.79
C ASP A 100 -8.25 -35.23 9.90
N HIS A 101 -7.58 -34.21 10.45
CA HIS A 101 -8.20 -33.36 11.46
C HIS A 101 -7.59 -31.97 11.44
N ARG A 102 -8.46 -30.96 11.46
CA ARG A 102 -8.00 -29.57 11.45
C ARG A 102 -7.26 -29.25 12.73
N LEU A 103 -6.19 -28.48 12.61
CA LEU A 103 -5.43 -28.00 13.76
C LEU A 103 -5.97 -26.63 14.12
N VAL A 104 -6.51 -26.50 15.34
CA VAL A 104 -7.14 -25.25 15.77
C VAL A 104 -6.09 -24.35 16.42
N TYR A 105 -6.08 -23.09 15.99
CA TYR A 105 -5.12 -22.09 16.43
C TYR A 105 -4.89 -22.11 17.93
N THR A 107 -4.16 -24.48 20.02
CA THR A 107 -4.30 -25.72 20.77
C THR A 107 -2.97 -26.46 20.79
N PRO A 108 -2.79 -27.41 21.72
CA PRO A 108 -1.52 -28.15 21.78
C PRO A 108 -1.02 -28.67 20.43
N GLU A 109 -1.86 -29.33 19.64
CA GLU A 109 -1.38 -29.87 18.37
C GLU A 109 -0.99 -28.75 17.39
N TRP A 110 -1.76 -27.67 17.38
CA TRP A 110 -1.38 -26.51 16.58
C TRP A 110 -0.05 -25.93 17.06
N LYS A 111 0.10 -25.78 18.38
CA LYS A 111 1.33 -25.18 18.89
C LYS A 111 2.53 -26.05 18.59
N ASP A 112 2.36 -27.37 18.67
CA ASP A 112 3.46 -28.26 18.34
C ASP A 112 3.80 -28.18 16.85
N ALA A 113 2.79 -28.01 16.00
CA ALA A 113 3.07 -27.78 14.59
C ALA A 113 3.88 -26.50 14.39
N PHE A 114 3.48 -25.42 15.04
CA PHE A 114 4.20 -24.17 14.85
C PHE A 114 5.61 -24.26 15.40
N ARG A 115 5.76 -24.87 16.58
CA ARG A 115 7.08 -25.11 17.13
C ARG A 115 7.95 -25.86 16.14
N PHE A 116 7.39 -26.88 15.50
CA PHE A 116 8.11 -27.63 14.49
C PHE A 116 8.51 -26.74 13.32
N ALA A 117 7.58 -25.89 12.85
CA ALA A 117 7.91 -24.94 11.81
C ALA A 117 9.08 -24.06 12.23
N ALA A 118 9.08 -23.61 13.48
CA ALA A 118 10.15 -22.72 13.91
C ALA A 118 11.49 -23.44 13.94
N HIS A 119 11.47 -24.71 14.38
CA HIS A 119 12.72 -25.47 14.45
C HIS A 119 13.21 -25.82 13.05
N GLU A 120 12.29 -26.06 12.12
CA GLU A 120 12.69 -26.36 10.75
C GLU A 120 13.26 -25.13 10.08
N ALA A 121 12.67 -23.96 10.33
CA ALA A 121 13.23 -22.74 9.75
C ALA A 121 14.62 -22.48 10.33
N ASP A 122 14.77 -22.65 11.65
CA ASP A 122 16.09 -22.54 12.25
C ASP A 122 17.06 -23.53 11.63
N ARG A 123 16.67 -24.80 11.54
CA ARG A 123 17.54 -25.83 10.98
C ARG A 123 17.90 -25.52 9.53
N LEU A 124 16.93 -25.06 8.74
CA LEU A 124 17.10 -24.83 7.32
C LEU A 124 17.60 -23.43 6.99
N ASP A 125 17.81 -22.58 7.99
CA ASP A 125 18.31 -21.22 7.78
C ASP A 125 17.34 -20.40 6.91
N LEU A 126 16.06 -20.46 7.29
CA LEU A 126 15.01 -19.63 6.71
C LEU A 126 14.53 -18.64 7.77
N GLU A 127 14.45 -17.37 7.39
CA GLU A 127 13.92 -16.34 8.29
C GLU A 127 12.42 -16.51 8.42
N LEU A 128 11.94 -16.80 9.63
CA LEU A 128 10.52 -17.02 9.87
C LEU A 128 9.90 -15.77 10.49
N ALA A 129 8.80 -15.31 9.91
CA ALA A 129 8.04 -14.19 10.45
C ALA A 129 6.61 -14.62 10.76
N ILE A 130 5.99 -13.90 11.70
CA ILE A 130 4.58 -14.05 12.01
C ILE A 130 3.92 -12.69 11.87
N ALA A 131 2.60 -12.72 11.66
CA ALA A 131 1.83 -11.48 11.67
C ALA A 131 1.67 -10.99 13.10
N ALA A 132 1.29 -9.71 13.23
CA ALA A 132 1.16 -9.07 14.54
C ALA A 132 -0.18 -9.35 15.22
N SER A 133 -0.98 -10.27 14.69
CA SER A 133 -2.26 -10.61 15.29
C SER A 133 -2.67 -11.99 14.78
N PRO A 134 -3.51 -12.71 15.52
CA PRO A 134 -4.11 -13.91 14.93
C PRO A 134 -4.79 -13.52 13.64
N GLY A 135 -4.72 -14.38 12.64
CA GLY A 135 -5.12 -14.01 11.30
C GLY A 135 -3.96 -13.32 10.62
N TRP A 136 -4.21 -12.18 10.05
CA TRP A 136 -3.14 -11.46 9.41
C TRP A 136 -3.07 -10.02 9.72
N SER A 137 -4.11 -9.41 10.25
CA SER A 137 -4.08 -8.01 10.63
C SER A 137 -5.15 -7.64 11.64
N GLU A 138 -4.97 -6.61 12.46
CA GLU A 138 -3.78 -5.79 12.51
C GLU A 138 -3.09 -6.10 13.83
N THR A 139 -3.64 -5.60 14.91
CA THR A 139 -3.15 -5.83 16.25
C THR A 139 -4.37 -5.88 17.14
N GLY A 140 -4.94 -7.06 17.23
CA GLY A 140 -6.19 -7.27 17.94
C GLY A 140 -6.32 -8.72 18.35
N GLY A 141 -7.05 -8.94 19.42
CA GLY A 141 -7.33 -10.27 19.92
C GLY A 141 -8.13 -10.18 21.20
N PRO A 142 -8.66 -11.30 21.68
CA PRO A 142 -9.55 -11.25 22.85
C PRO A 142 -8.85 -10.84 24.14
N TRP A 143 -7.52 -10.75 24.15
CA TRP A 143 -6.85 -10.26 25.36
C TRP A 143 -6.83 -8.73 25.41
N VAL A 144 -7.45 -8.07 24.46
CA VAL A 144 -7.61 -6.62 24.50
C VAL A 144 -8.87 -6.32 25.31
N LYS A 145 -8.69 -5.78 26.51
CA LYS A 145 -9.83 -5.46 27.36
C LYS A 145 -10.72 -4.45 26.65
N PRO A 146 -12.04 -4.47 26.90
CA PRO A 146 -12.93 -3.49 26.25
C PRO A 146 -12.44 -2.05 26.35
N GLN A 147 -11.98 -1.62 27.53
CA GLN A 147 -11.45 -0.28 27.72
C GLN A 147 -10.31 0.05 26.76
N ASP A 148 -9.59 -0.95 26.27
CA ASP A 148 -8.41 -0.73 25.42
C ASP A 148 -8.69 -0.88 23.93
N GLY A 149 -9.95 -1.00 23.53
CA GLY A 149 -10.24 -1.07 22.11
C GLY A 149 -10.25 0.31 21.47
N LEU A 150 -10.37 0.31 20.14
CA LEU A 150 -10.47 1.55 19.40
C LEU A 150 -11.69 2.34 19.86
N LYS A 151 -11.54 3.65 19.96
CA LYS A 151 -12.54 4.52 20.57
C LYS A 151 -12.94 5.65 19.62
N LYS A 152 -14.21 6.03 19.68
CA LYS A 152 -14.73 7.19 18.96
C LYS A 152 -15.38 8.13 19.96
N LEU A 153 -15.30 9.43 19.68
CA LEU A 153 -15.93 10.43 20.51
C LEU A 153 -17.45 10.39 20.33
N VAL A 154 -18.19 10.51 21.44
CA VAL A 154 -19.65 10.58 21.45
C VAL A 154 -20.06 11.67 22.43
N TRP A 155 -21.32 12.08 22.35
CA TRP A 155 -21.71 13.21 23.18
C TRP A 155 -23.23 13.26 23.35
N SER A 156 -23.65 13.87 24.45
CA SER A 156 -25.00 14.35 24.64
C SER A 156 -24.95 15.86 24.83
N GLU A 157 -26.06 16.50 24.53
CA GLU A 157 -26.21 17.94 24.62
C GLU A 157 -27.38 18.41 25.43
N THR A 158 -27.20 19.49 26.14
CA THR A 158 -28.27 20.02 26.96
C THR A 158 -28.23 21.54 26.89
N THR A 159 -29.37 22.17 27.15
CA THR A 159 -29.47 23.62 27.20
C THR A 159 -29.83 24.07 28.61
N LEU A 160 -29.32 25.25 28.99
CA LEU A 160 -29.59 25.86 30.28
C LEU A 160 -29.83 27.35 30.11
N ALA A 161 -30.45 27.95 31.13
CA ALA A 161 -30.85 29.36 31.10
C ALA A 161 -29.71 30.32 31.46
N GLY A 162 -29.00 30.08 32.55
CA GLY A 162 -28.05 31.06 33.02
C GLY A 162 -28.66 32.00 34.04
N GLY A 163 -28.34 31.80 35.31
CA GLY A 163 -29.15 32.32 36.38
C GLY A 163 -30.03 31.19 36.87
N GLN A 164 -29.43 30.02 36.98
CA GLN A 164 -30.09 28.80 37.41
C GLN A 164 -29.02 27.78 37.76
N ARG A 165 -29.26 27.01 38.81
CA ARG A 165 -28.44 25.86 39.13
C ARG A 165 -28.98 24.66 38.36
N PHE A 166 -28.13 24.01 37.58
CA PHE A 166 -28.56 22.85 36.79
C PHE A 166 -29.18 21.80 37.70
N VAL A 167 -30.34 21.31 37.28
CA VAL A 167 -31.11 20.36 38.08
C VAL A 167 -31.20 19.05 37.31
N GLY A 168 -31.05 17.95 38.04
CA GLY A 168 -31.12 16.64 37.46
C GLY A 168 -29.81 16.17 36.88
N ARG A 169 -29.92 15.24 35.95
CA ARG A 169 -28.77 14.54 35.44
C ARG A 169 -28.46 14.92 34.00
N LEU A 170 -27.19 15.12 33.71
CA LEU A 170 -26.73 15.20 32.33
C LEU A 170 -26.93 13.86 31.67
N ALA A 171 -27.74 13.83 30.61
CA ALA A 171 -27.94 12.62 29.81
C ALA A 171 -26.59 11.99 29.45
N SER A 172 -26.48 10.69 29.68
CA SER A 172 -25.28 9.96 29.33
C SER A 172 -25.08 9.97 27.81
N PRO A 173 -23.85 10.16 27.34
CA PRO A 173 -23.56 9.94 25.93
C PRO A 173 -23.83 8.51 25.53
N PRO A 174 -24.10 8.25 24.24
CA PRO A 174 -24.31 6.87 23.81
C PRO A 174 -23.15 5.98 24.23
N GLY A 175 -23.48 4.73 24.56
CA GLY A 175 -22.48 3.71 24.79
C GLY A 175 -22.44 2.63 23.73
N THR A 176 -23.15 2.83 22.61
CA THR A 176 -23.24 1.81 21.57
C THR A 176 -21.90 1.59 20.87
N THR A 177 -21.54 0.31 20.72
CA THR A 177 -20.42 -0.04 19.86
C THR A 177 -20.79 0.19 18.40
N GLY A 178 -19.92 0.87 17.65
CA GLY A 178 -20.26 1.28 16.31
C GLY A 178 -19.46 2.50 15.90
N PRO A 179 -19.79 3.08 14.73
CA PRO A 179 -18.91 4.10 14.15
C PRO A 179 -19.21 5.54 14.58
N PHE A 180 -20.42 5.80 15.02
CA PHE A 180 -20.80 7.14 15.38
C PHE A 180 -22.03 7.22 16.25
N GLN A 181 -21.95 7.93 17.35
CA GLN A 181 -23.08 8.10 18.24
C GLN A 181 -23.80 6.80 18.56
N THR A 182 -25.06 6.73 18.16
CA THR A 182 -25.87 5.55 18.37
C THR A 182 -25.81 4.49 17.29
N LEU A 183 -25.09 4.72 16.21
CA LEU A 183 -25.05 3.78 15.10
C LEU A 183 -24.42 2.45 15.51
N HIS A 184 -24.99 1.37 15.03
CA HIS A 184 -24.44 0.03 15.22
C HIS A 184 -23.46 -0.29 14.11
N PRO A 185 -22.65 -1.34 14.28
CA PRO A 185 -21.86 -1.84 13.15
C PRO A 185 -22.77 -2.48 12.12
N PRO A 186 -22.34 -2.60 10.87
CA PRO A 186 -23.27 -3.02 9.79
C PRO A 186 -23.61 -4.50 9.83
N VAL A 187 -24.64 -4.83 9.06
CA VAL A 187 -25.07 -6.19 8.70
C VAL A 187 -23.99 -7.26 8.86
N GLY A 202 -21.12 -7.80 20.59
CA GLY A 202 -21.87 -7.43 21.77
C GLY A 202 -21.02 -6.71 22.82
N VAL A 203 -19.71 -6.70 22.62
CA VAL A 203 -18.80 -6.07 23.57
C VAL A 203 -18.90 -4.56 23.44
N SER A 204 -18.93 -3.86 24.56
CA SER A 204 -19.10 -2.42 24.53
C SER A 204 -18.34 -1.79 25.69
N TYR A 205 -18.10 -0.50 25.58
CA TYR A 205 -17.48 0.25 26.67
C TYR A 205 -17.78 1.73 26.48
N ALA A 206 -18.22 2.39 27.55
CA ALA A 206 -18.52 3.80 27.56
C ALA A 206 -17.59 4.48 28.57
N GLY A 207 -16.77 5.42 28.09
CA GLY A 207 -15.90 6.17 28.94
C GLY A 207 -16.30 7.64 28.96
N GLU A 208 -15.70 8.35 29.90
CA GLU A 208 -15.90 9.78 30.03
C GLU A 208 -14.76 10.55 29.38
N VAL A 209 -15.08 11.73 28.88
CA VAL A 209 -14.10 12.63 28.28
C VAL A 209 -14.09 13.99 28.98
N GLY A 210 -15.27 14.55 29.20
CA GLY A 210 -15.36 15.80 29.92
C GLY A 210 -16.72 16.45 29.69
N VAL A 211 -16.90 17.58 30.37
CA VAL A 211 -18.11 18.38 30.27
C VAL A 211 -17.70 19.79 29.94
N LEU A 212 -18.25 20.35 28.88
CA LEU A 212 -17.98 21.71 28.47
C LEU A 212 -19.29 22.46 28.41
N ALA A 213 -19.23 23.74 28.79
CA ALA A 213 -20.37 24.64 28.65
C ALA A 213 -19.89 25.89 27.95
N PHE A 214 -20.78 26.47 27.16
CA PHE A 214 -20.45 27.67 26.41
C PHE A 214 -21.74 28.38 26.05
N PRO A 215 -21.71 29.71 25.99
CA PRO A 215 -22.92 30.45 25.62
C PRO A 215 -23.23 30.28 24.16
N VAL A 216 -24.51 30.38 23.84
CA VAL A 216 -24.99 30.12 22.49
C VAL A 216 -26.21 31.02 22.30
N PRO A 217 -26.48 31.52 21.10
CA PRO A 217 -27.61 32.43 20.92
C PRO A 217 -28.93 31.67 20.85
N ASP A 218 -29.96 32.24 21.48
CA ASP A 218 -31.32 31.75 21.30
C ASP A 218 -31.63 31.73 19.81
N ILE A 219 -32.09 30.59 19.32
CA ILE A 219 -32.22 30.35 17.89
C ILE A 219 -33.69 30.08 17.59
N ALA A 220 -34.11 30.52 16.39
CA ALA A 220 -35.46 30.26 15.90
C ALA A 220 -35.69 28.76 15.74
N SER A 221 -36.51 28.18 16.62
CA SER A 221 -36.81 26.76 16.48
C SER A 221 -37.62 26.52 15.21
N LEU A 222 -37.52 25.32 14.67
CA LEU A 222 -38.13 25.12 13.37
C LEU A 222 -39.36 24.23 13.47
N PRO A 223 -40.44 24.58 12.77
CA PRO A 223 -41.62 23.71 12.76
C PRO A 223 -41.31 22.35 12.15
N VAL A 224 -42.16 21.39 12.47
CA VAL A 224 -42.05 20.05 11.90
C VAL A 224 -42.71 20.09 10.52
N PRO A 225 -42.01 19.73 9.47
CA PRO A 225 -42.55 19.85 8.10
C PRO A 225 -43.43 18.64 7.76
N ARG A 226 -44.03 18.71 6.57
CA ARG A 226 -44.68 17.57 5.97
C ARG A 226 -43.67 16.82 5.11
N ALA A 227 -43.47 15.54 5.39
CA ALA A 227 -42.45 14.74 4.72
C ALA A 227 -43.10 14.00 3.57
N LEU A 228 -42.83 14.48 2.37
CA LEU A 228 -43.36 13.85 1.20
C LEU A 228 -42.28 13.12 0.44
N ASP A 229 -42.54 11.86 0.22
CA ASP A 229 -41.68 11.00 -0.52
C ASP A 229 -41.75 11.47 -1.97
N GLY A 230 -41.07 10.80 -2.88
CA GLY A 230 -41.07 11.24 -4.26
C GLY A 230 -42.43 11.15 -4.91
N ALA A 231 -43.12 10.08 -4.62
CA ALA A 231 -44.47 9.82 -5.10
C ALA A 231 -45.52 10.78 -4.55
N GLY A 232 -45.35 11.19 -3.32
CA GLY A 232 -46.38 11.99 -2.67
C GLY A 232 -46.91 11.33 -1.42
N ASN A 233 -46.26 10.26 -0.97
CA ASN A 233 -46.65 9.63 0.28
C ASN A 233 -46.31 10.53 1.46
N VAL A 234 -47.16 10.48 2.49
CA VAL A 234 -46.94 11.26 3.71
C VAL A 234 -46.16 10.40 4.69
N LEU A 235 -44.96 10.86 5.04
CA LEU A 235 -44.07 10.12 5.91
C LEU A 235 -44.11 10.71 7.33
N ALA A 236 -43.56 9.96 8.27
CA ALA A 236 -43.49 10.40 9.66
C ALA A 236 -42.32 11.37 9.80
N GLY A 237 -42.61 12.67 9.62
CA GLY A 237 -41.55 13.66 9.61
C GLY A 237 -40.76 13.72 10.90
N LYS A 238 -41.44 13.53 12.05
CA LYS A 238 -40.76 13.66 13.33
C LYS A 238 -39.65 12.63 13.47
N ALA A 239 -39.76 11.49 12.78
CA ALA A 239 -38.73 10.47 12.82
C ALA A 239 -37.43 10.91 12.13
N LEU A 240 -37.44 12.02 11.40
CA LEU A 240 -36.21 12.51 10.80
C LEU A 240 -35.31 13.18 11.84
N VAL A 241 -35.88 13.75 12.92
CA VAL A 241 -35.12 14.30 14.04
C VAL A 241 -35.11 13.32 15.20
N ASP A 242 -35.53 12.08 14.93
CA ASP A 242 -35.64 11.12 16.03
C ASP A 242 -34.30 10.99 16.74
N ALA A 243 -34.37 10.57 18.00
CA ALA A 243 -33.16 10.15 18.71
C ALA A 243 -32.42 9.04 17.96
N ASP A 244 -33.13 8.31 17.10
CA ASP A 244 -32.56 7.24 16.27
C ASP A 244 -32.25 7.80 14.89
N ILE A 245 -31.00 8.18 14.67
CA ILE A 245 -30.57 8.65 13.36
C ILE A 245 -30.54 7.55 12.31
N ALA A 246 -30.61 6.29 12.71
CA ALA A 246 -30.73 5.19 11.76
C ALA A 246 -32.18 4.84 11.43
N GLY A 247 -33.15 5.40 12.15
CA GLY A 247 -34.53 5.07 11.91
C GLY A 247 -35.38 6.28 11.55
N GLY A 248 -35.81 6.36 10.31
CA GLY A 248 -36.58 7.49 9.85
C GLY A 248 -37.76 7.08 8.99
N VAL A 249 -37.69 7.40 7.70
CA VAL A 249 -38.78 7.12 6.78
C VAL A 249 -38.23 6.34 5.60
N THR A 250 -39.07 5.46 5.04
CA THR A 250 -38.74 4.75 3.81
C THR A 250 -39.28 5.54 2.63
N LEU A 251 -38.47 5.63 1.59
CA LEU A 251 -38.84 6.42 0.41
C LEU A 251 -39.36 5.49 -0.67
N ALA A 252 -40.39 5.94 -1.39
CA ALA A 252 -40.89 5.20 -2.54
C ALA A 252 -40.14 5.64 -3.79
N ARG A 253 -40.08 4.74 -4.75
CA ARG A 253 -39.40 5.01 -6.00
C ARG A 253 -40.39 5.45 -7.04
N VAL A 254 -40.02 6.53 -7.73
CA VAL A 254 -40.84 7.11 -8.79
C VAL A 254 -40.20 6.72 -10.12
N ASP A 255 -40.97 6.78 -11.19
CA ASP A 255 -40.43 6.41 -12.50
C ASP A 255 -39.27 7.34 -12.79
N GLY A 256 -38.22 6.80 -13.41
CA GLY A 256 -37.05 7.60 -13.71
C GLY A 256 -36.15 7.75 -12.49
N LYS A 257 -36.40 6.92 -11.48
CA LYS A 257 -35.61 6.95 -10.25
C LYS A 257 -35.76 8.29 -9.54
N ALA A 258 -34.64 8.94 -9.22
CA ALA A 258 -34.68 10.23 -8.55
C ALA A 258 -35.42 10.21 -7.20
N PRO A 259 -35.10 9.14 -6.35
CA PRO A 259 -35.83 9.17 -5.08
C PRO A 259 -35.53 10.48 -4.37
N LEU A 260 -36.54 11.08 -3.73
CA LEU A 260 -36.37 12.36 -3.10
C LEU A 260 -37.22 12.40 -1.83
N LEU A 261 -36.92 13.39 -0.99
CA LEU A 261 -37.63 13.62 0.26
C LEU A 261 -37.93 15.10 0.28
N ARG A 262 -39.19 15.45 0.01
CA ARG A 262 -39.63 16.84 0.04
C ARG A 262 -40.03 17.19 1.47
N LEU A 263 -39.51 18.29 1.96
CA LEU A 263 -39.93 18.85 3.24
C LEU A 263 -40.64 20.15 2.93
N ASP A 264 -41.97 20.12 2.93
CA ASP A 264 -42.78 21.31 2.67
C ASP A 264 -43.25 21.90 4.00
N TYR A 265 -43.04 23.20 4.13
CA TYR A 265 -43.41 23.98 5.30
C TYR A 265 -44.56 24.92 4.92
N GLN A 266 -45.18 25.54 5.91
CA GLN A 266 -46.27 26.48 5.68
C GLN A 266 -45.85 27.93 5.71
N ARG A 267 -44.56 28.18 5.74
CA ARG A 267 -44.04 29.53 5.76
C ARG A 267 -42.60 29.43 5.31
N PRO A 268 -41.96 30.53 4.97
CA PRO A 268 -40.53 30.37 4.63
C PRO A 268 -39.74 30.24 5.92
N VAL A 269 -38.74 29.37 5.88
CA VAL A 269 -37.81 29.21 6.99
C VAL A 269 -36.41 29.45 6.48
N THR A 270 -35.56 29.99 7.34
CA THR A 270 -34.17 30.30 7.00
C THR A 270 -33.29 29.15 7.48
N VAL A 271 -32.67 28.45 6.54
CA VAL A 271 -31.85 27.28 6.82
C VAL A 271 -30.40 27.63 6.54
N ARG A 272 -29.52 27.16 7.41
CA ARG A 272 -28.10 27.35 7.28
C ARG A 272 -27.30 26.06 7.19
N SER A 273 -27.85 24.98 7.72
CA SER A 273 -27.15 23.72 7.68
C SER A 273 -28.10 22.54 7.69
N ALA A 274 -27.64 21.42 7.17
CA ALA A 274 -28.41 20.22 7.15
C ALA A 274 -27.62 18.98 7.47
N THR A 275 -28.22 18.03 8.16
CA THR A 275 -27.58 16.76 8.46
C THR A 275 -28.43 15.63 7.87
N VAL A 276 -27.80 14.69 7.19
CA VAL A 276 -28.47 13.57 6.56
C VAL A 276 -27.77 12.28 6.96
N PHE A 277 -28.55 11.22 7.19
CA PHE A 277 -27.98 9.88 7.25
C PHE A 277 -28.91 8.88 6.57
N VAL A 278 -28.34 8.11 5.66
CA VAL A 278 -28.99 7.00 4.98
C VAL A 278 -28.30 5.72 5.45
N PRO A 279 -28.97 4.87 6.24
CA PRO A 279 -28.34 3.63 6.71
C PRO A 279 -27.88 2.79 5.54
N ASN A 280 -26.86 1.96 5.81
CA ASN A 280 -26.32 0.99 4.85
C ASN A 280 -26.17 1.56 3.43
N VAL A 281 -25.28 2.52 3.23
CA VAL A 281 -24.94 2.96 1.88
C VAL A 281 -23.82 2.14 1.27
N ARG A 282 -23.35 1.09 1.96
CA ARG A 282 -22.25 0.24 1.49
C ARG A 282 -22.35 -0.15 0.01
N GLY A 287 -18.47 2.00 -5.11
CA GLY A 287 -18.84 0.87 -4.27
C GLY A 287 -19.98 1.21 -3.33
N ALA A 288 -19.66 1.98 -2.29
CA ALA A 288 -20.71 2.56 -1.46
C ALA A 288 -21.37 3.66 -2.28
N ALA A 289 -22.35 3.28 -3.10
CA ALA A 289 -22.82 4.12 -4.19
C ALA A 289 -24.07 4.88 -3.79
N PHE A 290 -23.90 6.19 -3.54
CA PHE A 290 -25.00 7.14 -3.45
C PHE A 290 -24.48 8.54 -3.20
N ALA A 291 -24.99 9.49 -3.97
CA ALA A 291 -24.79 10.90 -3.69
C ALA A 291 -26.10 11.47 -3.19
N GLY A 292 -26.08 12.75 -2.86
CA GLY A 292 -27.29 13.44 -2.46
C GLY A 292 -27.15 14.93 -2.67
N THR A 293 -28.23 15.60 -3.05
CA THR A 293 -28.22 17.03 -3.27
C THR A 293 -29.32 17.68 -2.45
N LEU A 294 -29.00 18.82 -1.86
CA LEU A 294 -29.96 19.64 -1.13
C LEU A 294 -30.41 20.76 -2.05
N GLU A 295 -31.72 20.86 -2.25
CA GLU A 295 -32.31 21.90 -3.06
C GLU A 295 -33.40 22.59 -2.29
N SER A 296 -33.73 23.79 -2.70
CA SER A 296 -34.77 24.57 -2.04
C SER A 296 -35.77 25.04 -3.09
N SER A 297 -37.04 24.68 -2.89
CA SER A 297 -38.13 25.12 -3.76
C SER A 297 -38.69 26.42 -3.20
N GLN A 298 -38.37 27.54 -3.84
CA GLN A 298 -39.01 28.78 -3.48
C GLN A 298 -40.50 28.72 -3.78
N ASP A 299 -40.85 28.17 -4.93
CA ASP A 299 -42.24 28.02 -5.37
C ASP A 299 -42.86 26.67 -5.23
N GLY A 300 -42.05 25.67 -4.95
CA GLY A 300 -42.57 24.33 -4.86
C GLY A 300 -42.37 23.61 -6.16
N LYS A 301 -42.00 24.32 -7.22
CA LYS A 301 -41.71 23.63 -8.47
C LYS A 301 -40.42 24.07 -9.14
N THR A 302 -39.85 25.19 -8.71
CA THR A 302 -38.60 25.65 -9.29
C THR A 302 -37.55 25.33 -8.23
N TRP A 303 -36.44 24.66 -8.60
CA TRP A 303 -35.44 24.28 -7.61
C TRP A 303 -34.08 24.88 -7.95
N THR A 304 -33.40 25.37 -6.92
CA THR A 304 -32.04 25.86 -7.05
C THR A 304 -31.17 25.04 -6.09
N PRO A 305 -30.25 24.22 -6.60
CA PRO A 305 -29.42 23.41 -5.69
C PRO A 305 -28.61 24.28 -4.73
N ILE A 306 -28.58 23.85 -3.47
CA ILE A 306 -27.80 24.53 -2.44
C ILE A 306 -26.39 23.97 -2.35
N LYS A 307 -26.28 22.65 -2.19
CA LYS A 307 -25.01 21.97 -2.01
C LYS A 307 -25.26 20.47 -2.08
N ALA A 308 -24.25 19.73 -2.51
CA ALA A 308 -24.33 18.28 -2.53
C ALA A 308 -23.84 17.70 -1.20
N LEU A 309 -24.25 16.46 -0.95
CA LEU A 309 -23.89 15.75 0.28
C LEU A 309 -23.32 14.39 -0.10
N GLU A 310 -22.01 14.21 0.10
CA GLU A 310 -21.45 12.88 0.03
C GLU A 310 -21.95 12.07 1.22
N LEU A 311 -22.49 10.89 0.96
CA LEU A 311 -23.07 10.05 2.00
C LEU A 311 -22.09 8.93 2.36
N SER A 312 -22.21 8.42 3.56
CA SER A 312 -21.32 7.40 4.04
C SER A 312 -21.93 6.67 5.17
N ASN A 313 -21.12 5.88 5.84
CA ASN A 313 -21.51 5.11 6.98
C ASN A 313 -21.80 5.95 8.21
N VAL A 314 -21.49 7.23 8.15
CA VAL A 314 -21.79 8.12 9.26
C VAL A 314 -22.55 9.30 8.70
N PRO A 315 -23.23 10.05 9.53
CA PRO A 315 -24.02 11.16 8.99
C PRO A 315 -23.16 12.17 8.25
N THR A 316 -23.80 12.99 7.44
CA THR A 316 -23.14 14.05 6.68
C THR A 316 -23.80 15.38 7.03
N THR A 317 -23.02 16.33 7.52
CA THR A 317 -23.50 17.66 7.83
C THR A 317 -22.86 18.64 6.85
N ILE A 318 -23.68 19.51 6.28
CA ILE A 318 -23.21 20.58 5.41
C ILE A 318 -23.79 21.87 5.93
N SER A 319 -23.06 22.97 5.71
CA SER A 319 -23.51 24.30 6.10
C SER A 319 -23.32 25.25 4.92
N PHE A 320 -24.11 26.31 4.89
CA PHE A 320 -24.13 27.16 3.71
C PHE A 320 -24.65 28.55 4.10
N ALA A 321 -24.52 29.47 3.15
CA ALA A 321 -25.18 30.75 3.28
C ALA A 321 -26.69 30.54 3.40
N PRO A 322 -27.39 31.35 4.20
CA PRO A 322 -28.80 31.05 4.51
C PRO A 322 -29.68 30.95 3.27
N VAL A 323 -30.78 30.23 3.43
CA VAL A 323 -31.77 30.05 2.37
C VAL A 323 -33.17 30.23 2.96
N GLU A 324 -34.00 31.04 2.33
CA GLU A 324 -35.35 31.19 2.82
C GLU A 324 -36.27 30.51 1.83
N ALA A 325 -36.96 29.51 2.29
CA ALA A 325 -37.87 28.71 1.48
C ALA A 325 -38.84 27.99 2.40
N ALA A 326 -39.95 27.55 1.81
CA ALA A 326 -40.92 26.70 2.47
C ALA A 326 -40.86 25.28 1.98
N HIS A 327 -39.95 24.97 1.06
CA HIS A 327 -39.85 23.63 0.51
C HIS A 327 -38.38 23.27 0.36
N PHE A 328 -37.99 22.13 0.91
CA PHE A 328 -36.64 21.62 0.81
C PHE A 328 -36.70 20.16 0.40
N ARG A 329 -35.87 19.78 -0.57
CA ARG A 329 -35.85 18.43 -1.11
C ARG A 329 -34.46 17.84 -0.91
N LEU A 330 -34.41 16.60 -0.46
CA LEU A 330 -33.20 15.79 -0.50
C LEU A 330 -33.35 14.85 -1.69
N VAL A 331 -32.54 15.05 -2.71
CA VAL A 331 -32.58 14.24 -3.92
C VAL A 331 -31.41 13.28 -3.89
N LEU A 332 -31.68 12.00 -4.15
CA LEU A 332 -30.69 10.94 -4.05
C LEU A 332 -30.31 10.46 -5.45
N ASN A 333 -29.48 11.25 -6.13
CA ASN A 333 -28.93 10.81 -7.40
C ASN A 333 -28.02 9.60 -7.17
N PRO A 334 -27.95 8.66 -8.13
CA PRO A 334 -27.19 7.43 -7.89
C PRO A 334 -25.68 7.62 -7.99
N PRO A 365 -35.45 -1.11 -0.29
CA PRO A 365 -36.06 -0.18 0.64
C PRO A 365 -35.11 0.94 0.94
N ILE A 366 -35.36 2.12 0.42
CA ILE A 366 -34.47 3.22 0.67
C ILE A 366 -34.95 4.03 1.87
N VAL A 368 -34.31 6.73 4.89
CA VAL A 368 -33.54 7.88 5.21
C VAL A 368 -33.70 7.96 6.71
N GLY A 369 -32.65 7.68 7.45
CA GLY A 369 -32.73 7.65 8.90
C GLY A 369 -32.78 9.01 9.56
N GLN A 370 -32.03 9.97 9.03
CA GLN A 370 -32.02 11.32 9.58
C GLN A 370 -32.00 12.32 8.44
N PHE A 371 -32.78 13.39 8.59
CA PHE A 371 -32.75 14.51 7.65
C PHE A 371 -33.17 15.74 8.46
N GLU A 372 -32.20 16.53 8.89
CA GLU A 372 -32.41 17.59 9.87
C GLU A 372 -31.91 18.91 9.29
N LEU A 373 -32.77 19.92 9.30
CA LEU A 373 -32.40 21.27 8.90
C LEU A 373 -32.13 22.11 10.14
N HIS A 374 -31.13 22.99 10.05
CA HIS A 374 -30.69 23.80 11.17
C HIS A 374 -30.80 25.28 10.83
N SER A 375 -31.33 26.07 11.76
CA SER A 375 -31.30 27.52 11.60
C SER A 375 -29.88 28.06 11.69
N ASP A 376 -29.06 27.47 12.56
CA ASP A 376 -27.73 27.99 12.81
C ASP A 376 -26.69 27.38 11.86
N ALA A 377 -25.53 28.02 11.81
CA ALA A 377 -24.42 27.53 11.02
C ALA A 377 -23.64 26.51 11.84
N LEU A 378 -23.44 25.32 11.26
CA LEU A 378 -22.65 24.28 11.90
C LEU A 378 -21.32 24.16 11.18
N VAL A 379 -20.40 23.42 11.80
CA VAL A 379 -19.15 23.11 11.12
C VAL A 379 -19.47 22.32 9.86
N ASP A 380 -19.11 22.89 8.71
CA ASP A 380 -19.38 22.21 7.45
C ASP A 380 -18.59 20.91 7.37
N ARG A 381 -19.29 19.81 7.10
CA ARG A 381 -18.70 18.48 6.98
C ARG A 381 -17.84 18.12 8.19
N TYR A 382 -18.41 18.36 9.39
CA TYR A 382 -17.64 18.14 10.62
C TYR A 382 -17.35 16.66 10.84
N GLU A 383 -18.28 15.77 10.45
CA GLU A 383 -18.06 14.35 10.67
C GLU A 383 -16.74 13.89 10.06
N THR A 384 -16.48 14.26 8.80
CA THR A 384 -15.22 13.83 8.19
C THR A 384 -14.04 14.60 8.77
N LYS A 385 -14.22 15.90 9.05
CA LYS A 385 -13.11 16.69 9.60
C LYS A 385 -12.72 16.22 10.99
N ALA A 386 -13.68 15.65 11.73
CA ALA A 386 -13.40 15.11 13.06
C ALA A 386 -12.88 13.69 13.00
N GLY A 387 -12.72 13.12 11.82
CA GLY A 387 -12.13 11.80 11.72
C GLY A 387 -13.10 10.64 11.83
N PHE A 388 -14.40 10.88 11.79
CA PHE A 388 -15.33 9.76 11.79
C PHE A 388 -15.39 9.07 10.44
N VAL A 389 -14.98 9.75 9.37
CA VAL A 389 -14.94 9.18 8.04
C VAL A 389 -13.92 9.97 7.23
N SER A 391 -11.74 11.85 4.25
CA SER A 391 -11.81 12.58 3.01
C SER A 391 -10.46 12.40 2.33
N ARG A 392 -10.48 12.36 1.02
CA ARG A 392 -9.30 12.19 0.27
C ARG A 392 -8.36 13.38 0.39
N ASP A 393 -8.93 14.55 0.41
CA ASP A 393 -8.19 15.82 0.44
C ASP A 393 -8.98 16.76 1.34
N TYR A 394 -8.49 16.95 2.56
CA TYR A 394 -9.22 17.80 3.48
C TYR A 394 -9.15 19.27 3.09
N TYR A 395 -8.20 19.65 2.24
CA TYR A 395 -8.18 21.04 1.79
C TYR A 395 -9.26 21.28 0.76
N ALA A 396 -9.74 20.22 0.11
CA ALA A 396 -10.78 20.35 -0.92
C ALA A 396 -12.15 20.65 -0.33
N LEU A 397 -12.34 20.46 0.98
CA LEU A 397 -13.62 20.74 1.63
C LEU A 397 -13.76 22.25 1.83
N VAL A 398 -14.07 22.94 0.74
CA VAL A 398 -14.18 24.40 0.78
C VAL A 398 -15.52 24.77 1.41
N GLY A 399 -15.47 25.59 2.44
CA GLY A 399 -16.68 25.97 3.15
C GLY A 399 -17.40 27.11 2.47
N PRO A 400 -18.60 27.38 2.95
CA PRO A 400 -19.31 28.57 2.48
C PRO A 400 -18.58 29.81 2.92
N HIS A 401 -18.75 30.88 2.15
CA HIS A 401 -18.03 32.12 2.42
C HIS A 401 -18.85 33.11 3.25
N ASP A 402 -19.76 32.60 4.09
CA ASP A 402 -20.78 33.40 4.77
C ASP A 402 -20.23 34.30 5.88
N ASN A 403 -18.94 34.27 6.19
CA ASN A 403 -18.32 35.19 7.15
C ASN A 403 -18.94 35.07 8.54
N VAL A 404 -19.41 33.89 8.91
CA VAL A 404 -19.99 33.68 10.24
C VAL A 404 -18.86 33.43 11.25
N THR A 405 -19.18 33.66 12.52
CA THR A 405 -18.30 33.32 13.63
C THR A 405 -19.14 32.59 14.67
N GLY A 406 -18.61 31.50 15.19
CA GLY A 406 -19.37 30.69 16.14
C GLY A 406 -19.07 31.03 17.58
N VAL A 407 -19.00 29.99 18.42
CA VAL A 407 -18.73 30.18 19.84
C VAL A 407 -17.35 30.77 20.04
N ASP A 408 -17.25 31.76 20.92
CA ASP A 408 -15.95 32.29 21.30
C ASP A 408 -15.21 31.24 22.11
N PRO A 409 -14.01 30.81 21.70
CA PRO A 409 -13.29 29.80 22.49
C PRO A 409 -13.09 30.19 23.94
N ASP A 410 -12.78 31.46 24.20
CA ASP A 410 -12.59 31.90 25.58
C ASP A 410 -13.84 31.75 26.43
N SER A 411 -15.02 31.70 25.79
CA SER A 411 -16.27 31.52 26.52
C SER A 411 -16.47 30.10 27.01
N VAL A 412 -15.75 29.12 26.44
CA VAL A 412 -16.00 27.73 26.79
C VAL A 412 -15.48 27.44 28.18
N ILE A 413 -16.30 26.80 29.00
CA ILE A 413 -15.98 26.50 30.38
C ILE A 413 -15.88 24.98 30.55
N ASP A 414 -14.85 24.55 31.28
CA ASP A 414 -14.65 23.13 31.57
C ASP A 414 -15.34 22.80 32.89
N LEU A 415 -16.49 22.13 32.79
CA LEU A 415 -17.25 21.70 33.96
C LEU A 415 -16.97 20.25 34.36
N THR A 416 -15.85 19.67 33.90
CA THR A 416 -15.60 18.25 34.16
C THR A 416 -15.63 17.95 35.66
N ASP A 417 -14.97 18.80 36.45
CA ASP A 417 -15.05 18.82 37.92
C ASP A 417 -16.44 18.51 38.47
N LYS A 418 -17.45 19.17 37.92
CA LYS A 418 -18.75 19.26 38.57
C LYS A 418 -19.67 18.10 38.29
N LEU A 419 -19.33 17.21 37.35
CA LEU A 419 -20.18 16.06 37.09
C LEU A 419 -19.95 15.00 38.15
N LYS A 420 -21.02 14.56 38.80
CA LYS A 420 -20.96 13.50 39.79
C LYS A 420 -21.34 12.17 39.15
N ALA A 421 -20.81 11.07 39.72
CA ALA A 421 -21.17 9.73 39.26
C ALA A 421 -22.67 9.56 39.16
N ASP A 422 -23.43 10.25 40.02
CA ASP A 422 -24.88 10.21 39.97
C ASP A 422 -25.43 10.61 38.60
N GLY A 423 -24.63 11.32 37.79
CA GLY A 423 -25.12 11.96 36.59
C GLY A 423 -25.50 13.40 36.77
N THR A 424 -25.56 13.88 38.01
CA THR A 424 -25.93 15.25 38.30
C THR A 424 -24.76 16.19 38.06
N LEU A 425 -25.08 17.45 37.76
CA LEU A 425 -24.09 18.48 37.50
C LEU A 425 -24.32 19.62 38.49
N ASP A 426 -23.34 19.89 39.36
CA ASP A 426 -23.47 20.94 40.35
C ASP A 426 -22.85 22.21 39.79
N TRP A 427 -23.66 23.06 39.18
CA TRP A 427 -23.17 24.27 38.53
C TRP A 427 -24.18 25.41 38.67
N ALA A 428 -23.66 26.59 38.97
CA ALA A 428 -24.46 27.82 38.95
C ALA A 428 -24.20 28.49 37.61
N ALA A 429 -25.14 28.34 36.68
CA ALA A 429 -24.99 28.87 35.34
C ALA A 429 -24.95 30.39 35.38
N PRO A 430 -23.81 31.01 35.08
CA PRO A 430 -23.75 32.48 35.16
C PRO A 430 -24.74 33.14 34.22
N LYS A 431 -25.21 34.31 34.63
CA LYS A 431 -26.16 35.09 33.84
C LYS A 431 -25.54 35.49 32.50
N LEU A 432 -26.39 35.58 31.50
CA LEU A 432 -25.97 35.90 30.14
C LEU A 432 -26.77 37.08 29.63
N PRO A 433 -26.25 37.79 28.62
CA PRO A 433 -27.08 38.76 27.89
C PRO A 433 -28.39 38.15 27.41
N ALA A 434 -29.37 38.99 27.08
CA ALA A 434 -30.66 38.51 26.60
C ALA A 434 -30.51 37.92 25.21
N GLY A 435 -31.29 36.89 24.94
CA GLY A 435 -31.18 36.17 23.68
C GLY A 435 -30.02 35.21 23.60
N GLN A 436 -29.55 34.71 24.75
CA GLN A 436 -28.33 33.91 24.82
C GLN A 436 -28.49 32.91 25.95
N HIS A 437 -28.48 31.62 25.62
CA HIS A 437 -28.57 30.58 26.63
C HIS A 437 -27.31 29.73 26.66
N TRP A 438 -27.25 28.84 27.64
CA TRP A 438 -26.10 27.95 27.84
C TRP A 438 -26.30 26.64 27.09
N ARG A 439 -25.19 26.09 26.63
CA ARG A 439 -25.20 24.81 26.02
C ARG A 439 -24.18 24.01 26.78
N VAL A 440 -24.60 22.84 27.23
CA VAL A 440 -23.72 21.98 27.97
C VAL A 440 -23.50 20.73 27.17
N LEU A 441 -22.24 20.46 26.93
CA LEU A 441 -21.82 19.34 26.15
C LEU A 441 -21.14 18.31 27.01
N ARG A 442 -21.68 17.10 26.98
CA ARG A 442 -21.10 16.05 27.72
C ARG A 442 -20.43 15.15 26.71
N LEU A 443 -19.12 15.12 26.76
CA LEU A 443 -18.32 14.31 25.86
C LEU A 443 -17.99 12.99 26.54
N GLY A 444 -18.07 11.90 25.77
CA GLY A 444 -17.60 10.62 26.25
C GLY A 444 -16.97 9.88 25.10
N TYR A 445 -16.61 8.63 25.31
CA TYR A 445 -16.20 7.78 24.21
C TYR A 445 -16.87 6.42 24.32
N SER A 446 -16.87 5.72 23.19
CA SER A 446 -17.38 4.36 23.14
C SER A 446 -16.58 3.63 22.06
N LEU A 447 -16.85 2.34 21.91
CA LEU A 447 -16.04 1.47 21.08
C LEU A 447 -16.46 1.49 19.62
N LEU A 448 -15.46 1.36 18.73
CA LEU A 448 -15.74 1.02 17.33
C LEU A 448 -16.19 -0.42 17.19
N GLY A 449 -15.61 -1.32 17.98
CA GLY A 449 -15.88 -2.74 17.90
C GLY A 449 -15.08 -3.51 16.88
N THR A 450 -14.20 -2.87 16.13
CA THR A 450 -13.49 -3.62 15.09
C THR A 450 -12.50 -4.60 15.71
N THR A 451 -12.16 -5.59 14.91
CA THR A 451 -11.66 -6.87 15.34
C THR A 451 -10.49 -7.26 14.42
N ASN A 452 -9.57 -8.10 14.89
CA ASN A 452 -8.58 -8.66 13.97
C ASN A 452 -9.26 -9.70 13.07
N HIS A 453 -8.68 -9.93 11.88
CA HIS A 453 -9.16 -10.93 10.91
C HIS A 453 -7.99 -11.60 10.18
N PRO A 454 -8.20 -12.83 9.64
CA PRO A 454 -9.29 -13.77 9.84
C PRO A 454 -8.86 -14.91 10.76
N ALA A 455 -9.37 -14.87 11.99
CA ALA A 455 -9.06 -15.79 13.05
C ALA A 455 -10.34 -16.50 13.49
N PRO A 456 -10.21 -17.63 14.15
CA PRO A 456 -11.39 -18.26 14.75
C PRO A 456 -11.94 -17.39 15.87
N PRO A 457 -13.21 -17.57 16.24
CA PRO A 457 -13.80 -16.72 17.28
C PRO A 457 -12.98 -16.62 18.55
N GLU A 458 -12.41 -17.72 19.00
CA GLU A 458 -11.62 -17.73 20.21
C GLU A 458 -10.39 -16.87 20.16
N ALA A 459 -9.91 -16.56 18.98
CA ALA A 459 -8.71 -15.78 18.77
C ALA A 459 -9.05 -14.45 18.11
N THR A 460 -10.31 -14.06 18.17
CA THR A 460 -10.84 -12.85 17.58
C THR A 460 -11.27 -11.92 18.69
N GLY A 461 -10.85 -10.65 18.62
CA GLY A 461 -11.27 -9.68 19.61
C GLY A 461 -10.84 -8.30 19.18
N LEU A 462 -11.04 -7.34 20.08
CA LEU A 462 -10.89 -5.94 19.72
C LEU A 462 -9.49 -5.62 19.18
N GLU A 463 -9.46 -4.87 18.10
CA GLU A 463 -8.25 -4.15 17.73
C GLU A 463 -7.86 -3.21 18.87
N VAL A 464 -6.60 -3.27 19.30
CA VAL A 464 -6.14 -2.42 20.38
C VAL A 464 -6.14 -0.95 19.93
N ASP A 465 -6.41 -0.06 20.87
CA ASP A 465 -6.41 1.38 20.62
C ASP A 465 -5.06 1.81 20.04
N LYS A 466 -5.04 2.16 18.76
CA LYS A 466 -3.79 2.41 18.05
C LYS A 466 -3.11 3.70 18.48
N PHE A 467 -3.80 4.56 19.21
CA PHE A 467 -3.24 5.84 19.67
C PHE A 467 -2.71 5.78 21.10
N ASP A 468 -2.79 4.63 21.75
CA ASP A 468 -2.44 4.46 23.17
C ASP A 468 -1.25 3.52 23.28
N GLY A 469 -0.07 4.09 23.50
CA GLY A 469 1.16 3.30 23.47
C GLY A 469 1.17 2.19 24.51
N GLU A 470 0.68 2.48 25.72
CA GLU A 470 0.65 1.46 26.76
C GLU A 470 -0.26 0.29 26.36
N ALA A 471 -1.42 0.59 25.78
CA ALA A 471 -2.34 -0.47 25.41
C ALA A 471 -1.74 -1.33 24.29
N VAL A 472 -1.11 -0.68 23.32
CA VAL A 472 -0.42 -1.39 22.24
C VAL A 472 0.65 -2.30 22.80
N ARG A 473 1.44 -1.80 23.77
CA ARG A 473 2.51 -2.59 24.35
C ARG A 473 1.98 -3.81 25.08
N GLU A 474 0.91 -3.62 25.87
CA GLU A 474 0.31 -4.74 26.57
C GLU A 474 -0.23 -5.75 25.57
N TYR A 475 -0.92 -5.28 24.54
CA TYR A 475 -1.38 -6.19 23.49
C TYR A 475 -0.22 -7.02 22.94
N LEU A 476 0.87 -6.36 22.55
CA LEU A 476 1.93 -7.05 21.81
C LEU A 476 2.81 -7.89 22.72
N GLU A 477 3.07 -7.43 23.95
CA GLU A 477 3.84 -8.28 24.86
C GLU A 477 3.10 -9.58 25.14
N HIS A 478 1.79 -9.49 25.33
CA HIS A 478 1.00 -10.70 25.54
C HIS A 478 1.06 -11.58 24.29
N TYR A 479 0.91 -10.96 23.11
CA TYR A 479 0.87 -11.75 21.88
C TYR A 479 2.19 -12.48 21.67
N ILE A 480 3.30 -11.77 21.86
CA ILE A 480 4.62 -12.40 21.73
C ILE A 480 4.78 -13.50 22.76
N GLY A 481 4.26 -13.30 23.98
CA GLY A 481 4.25 -14.36 24.98
C GLY A 481 3.57 -15.63 24.50
N TYR A 483 3.48 -16.75 21.47
CA TYR A 483 4.35 -17.44 20.52
C TYR A 483 5.60 -18.00 21.18
N LYS A 484 6.10 -17.33 22.23
CA LYS A 484 7.17 -17.93 23.02
C LYS A 484 6.70 -19.19 23.72
N ASP A 485 5.45 -19.23 24.15
CA ASP A 485 4.94 -20.48 24.70
C ASP A 485 4.78 -21.52 23.61
N ALA A 486 4.24 -21.12 22.45
CA ALA A 486 4.01 -22.09 21.37
C ALA A 486 5.33 -22.62 20.81
N ALA A 487 6.22 -21.73 20.38
CA ALA A 487 7.46 -22.14 19.73
C ALA A 487 8.54 -22.53 20.73
N GLY A 488 8.39 -22.12 21.99
CA GLY A 488 9.47 -22.16 22.95
C GLY A 488 10.23 -20.84 22.90
N PRO A 489 10.66 -20.33 24.06
CA PRO A 489 11.34 -19.02 24.05
C PRO A 489 12.67 -19.02 23.33
N ASP A 490 13.32 -20.18 23.19
CA ASP A 490 14.53 -20.27 22.39
C ASP A 490 14.25 -20.09 20.90
N VAL A 492 12.08 -17.73 19.57
CA VAL A 492 11.53 -16.42 19.28
C VAL A 492 12.63 -15.40 19.56
N GLY A 493 13.01 -14.64 18.53
CA GLY A 493 14.07 -13.65 18.70
C GLY A 493 15.23 -13.93 17.78
N LYS A 494 16.35 -14.40 18.33
CA LYS A 494 17.54 -14.65 17.53
C LYS A 494 17.46 -15.93 16.73
N ARG A 495 16.54 -16.82 17.06
CA ARG A 495 16.38 -18.10 16.38
C ARG A 495 14.90 -18.37 16.20
N GLY A 496 14.57 -19.17 15.19
CA GLY A 496 13.19 -19.54 14.94
C GLY A 496 12.39 -18.40 14.36
N VAL A 497 11.46 -17.84 15.13
CA VAL A 497 10.72 -16.65 14.71
C VAL A 497 11.66 -15.45 14.83
N ARG A 498 12.00 -14.85 13.68
CA ARG A 498 12.93 -13.73 13.66
C ARG A 498 12.24 -12.39 13.51
N ALA A 499 10.95 -12.39 13.12
CA ALA A 499 10.39 -11.13 12.69
C ALA A 499 8.90 -11.10 12.91
N LEU A 500 8.40 -9.88 12.98
CA LEU A 500 7.00 -9.55 13.12
C LEU A 500 6.57 -8.82 11.86
N LEU A 501 5.36 -9.06 11.40
CA LEU A 501 4.83 -8.36 10.25
C LEU A 501 3.59 -7.58 10.69
N THR A 502 3.59 -6.26 10.47
CA THR A 502 2.37 -5.48 10.63
C THR A 502 1.80 -5.31 9.22
N ASP A 503 0.76 -6.08 8.93
CA ASP A 503 0.07 -6.04 7.65
C ASP A 503 -0.54 -4.65 7.46
N SER A 504 -0.98 -4.38 6.23
CA SER A 504 -1.59 -3.08 5.94
C SER A 504 -2.85 -2.91 6.78
N ILE A 505 -3.11 -1.67 7.22
CA ILE A 505 -4.05 -1.44 8.32
C ILE A 505 -5.40 -0.97 7.79
N GLU A 506 -6.46 -1.60 8.30
CA GLU A 506 -7.83 -1.17 8.03
C GLU A 506 -8.66 -1.61 9.23
N VAL A 507 -8.87 -0.67 10.18
CA VAL A 507 -9.52 -0.98 11.45
C VAL A 507 -10.66 -0.02 11.74
N GLY A 508 -11.12 0.70 10.72
CA GLY A 508 -12.19 1.67 10.94
C GLY A 508 -11.65 3.02 11.36
N GLU A 509 -12.58 3.92 11.73
CA GLU A 509 -12.24 5.33 11.93
C GLU A 509 -12.38 5.67 13.41
N ALA A 510 -11.25 5.63 14.12
CA ALA A 510 -11.21 5.98 15.54
C ALA A 510 -10.66 7.40 15.71
N ASN A 511 -11.21 8.13 16.68
CA ASN A 511 -10.78 9.52 16.83
C ASN A 511 -10.75 9.95 18.28
N TRP A 512 -10.60 9.03 19.23
CA TRP A 512 -10.39 9.40 20.61
C TRP A 512 -9.43 8.41 21.26
N THR A 513 -8.66 8.92 22.21
CA THR A 513 -7.82 8.07 23.03
C THR A 513 -7.66 8.82 24.35
N PRO A 514 -7.54 8.10 25.48
CA PRO A 514 -7.71 8.78 26.78
C PRO A 514 -6.74 9.93 27.06
N ARG A 515 -5.49 9.84 26.58
CA ARG A 515 -4.51 10.90 26.79
C ARG A 515 -4.58 11.98 25.73
N LEU A 517 -6.03 14.90 25.11
CA LEU A 517 -5.85 16.32 25.41
C LEU A 517 -4.39 16.65 25.70
N GLU A 518 -3.72 15.82 26.51
CA GLU A 518 -2.29 16.01 26.75
C GLU A 518 -1.48 15.84 25.46
N GLN A 519 -1.80 14.81 24.67
CA GLN A 519 -1.07 14.59 23.43
C GLN A 519 -1.24 15.78 22.50
N PHE A 520 -2.47 16.28 22.37
CA PHE A 520 -2.70 17.43 21.49
C PHE A 520 -1.91 18.63 21.97
N GLN A 521 -1.95 18.93 23.27
CA GLN A 521 -1.19 20.04 23.81
C GLN A 521 0.30 19.88 23.53
N ARG A 522 0.84 18.68 23.74
CA ARG A 522 2.27 18.50 23.57
C ARG A 522 2.67 18.60 22.10
N LEU A 523 1.82 18.11 21.20
CA LEU A 523 2.20 18.05 19.78
C LEU A 523 1.81 19.31 19.01
N ARG A 524 0.70 19.95 19.36
CA ARG A 524 0.25 21.12 18.62
C ARG A 524 0.54 22.43 19.34
N GLY A 525 0.87 22.39 20.62
CA GLY A 525 1.23 23.58 21.35
C GLY A 525 0.11 24.42 21.91
N TYR A 526 -1.14 23.96 21.88
CA TYR A 526 -2.23 24.71 22.49
C TYR A 526 -3.29 23.76 23.01
N ASP A 527 -4.16 24.28 23.88
CA ASP A 527 -5.20 23.51 24.56
C ASP A 527 -6.37 23.23 23.62
N ALA A 528 -6.68 21.95 23.39
CA ALA A 528 -7.80 21.61 22.53
C ALA A 528 -9.16 21.79 23.19
N ARG A 529 -9.23 21.93 24.52
CA ARG A 529 -10.51 21.92 25.21
C ARG A 529 -11.52 22.94 24.69
N PRO A 530 -11.17 24.22 24.47
CA PRO A 530 -12.17 25.17 23.98
C PRO A 530 -12.67 24.83 22.58
N TRP A 531 -11.92 24.02 21.84
CA TRP A 531 -12.25 23.69 20.46
C TRP A 531 -12.99 22.37 20.30
N LEU A 532 -13.00 21.53 21.33
CA LEU A 532 -13.72 20.25 21.24
C LEU A 532 -15.13 20.35 20.68
N PRO A 533 -15.93 21.39 20.94
CA PRO A 533 -17.29 21.41 20.38
C PRO A 533 -17.31 21.32 18.86
N ALA A 534 -16.25 21.76 18.19
CA ALA A 534 -16.17 21.60 16.74
C ALA A 534 -16.22 20.14 16.32
N LEU A 535 -15.66 19.24 17.14
CA LEU A 535 -15.72 17.81 16.84
C LEU A 535 -17.14 17.28 16.82
N THR A 536 -18.09 18.01 17.41
CA THR A 536 -19.48 17.60 17.44
C THR A 536 -20.37 18.44 16.52
N GLY A 537 -19.79 19.35 15.72
CA GLY A 537 -20.55 20.15 14.79
C GLY A 537 -20.69 21.60 15.20
N THR A 538 -20.39 21.96 16.44
CA THR A 538 -20.60 23.34 16.90
C THR A 538 -19.44 24.21 16.44
N LEU A 539 -19.75 25.19 15.59
CA LEU A 539 -18.72 26.11 15.13
C LEU A 539 -18.12 26.87 16.30
N VAL A 540 -16.80 26.85 16.39
CA VAL A 540 -16.05 27.61 17.37
C VAL A 540 -15.18 28.60 16.61
N GLY A 541 -15.29 29.88 16.96
CA GLY A 541 -14.60 30.92 16.21
C GLY A 541 -15.04 30.93 14.76
N THR A 542 -14.16 31.39 13.89
CA THR A 542 -14.47 31.41 12.47
C THR A 542 -14.44 29.99 11.90
N ARG A 543 -15.06 29.81 10.74
CA ARG A 543 -15.00 28.51 10.07
C ARG A 543 -13.56 28.08 9.85
N GLU A 544 -12.69 29.03 9.52
CA GLU A 544 -11.30 28.69 9.26
C GLU A 544 -10.60 28.21 10.53
N GLN A 545 -10.84 28.88 11.66
CA GLN A 545 -10.25 28.45 12.92
C GLN A 545 -10.71 27.05 13.31
N SER A 546 -12.01 26.77 13.16
CA SER A 546 -12.49 25.42 13.48
C SER A 546 -11.92 24.41 12.50
N ASP A 547 -11.81 24.79 11.22
CA ASP A 547 -11.21 23.88 10.24
C ASP A 547 -9.75 23.62 10.55
N ARG A 548 -9.02 24.64 11.02
CA ARG A 548 -7.63 24.43 11.39
C ARG A 548 -7.52 23.63 12.68
N PHE A 549 -8.42 23.85 13.64
CA PHE A 549 -8.38 23.00 14.81
C PHE A 549 -8.62 21.55 14.43
N LEU A 550 -9.60 21.30 13.57
CA LEU A 550 -9.89 19.92 13.19
C LEU A 550 -8.70 19.30 12.45
N TYR A 551 -8.07 20.07 11.55
CA TYR A 551 -6.80 19.63 10.96
C TYR A 551 -5.79 19.24 12.04
N ASP A 552 -5.61 20.11 13.04
CA ASP A 552 -4.69 19.82 14.13
C ASP A 552 -5.10 18.57 14.90
N TYR A 553 -6.40 18.37 15.05
CA TYR A 553 -6.88 17.17 15.75
C TYR A 553 -6.58 15.93 14.92
N ARG A 554 -6.91 15.95 13.63
CA ARG A 554 -6.57 14.83 12.76
C ARG A 554 -5.08 14.60 12.75
N ARG A 555 -4.29 15.68 12.80
CA ARG A 555 -2.84 15.51 12.73
C ARG A 555 -2.31 14.86 14.00
N THR A 556 -2.92 15.16 15.14
CA THR A 556 -2.50 14.51 16.37
C THR A 556 -2.78 13.01 16.33
N LEU A 557 -3.93 12.62 15.77
CA LEU A 557 -4.22 11.20 15.66
C LEU A 557 -3.19 10.53 14.75
N ALA A 558 -2.87 11.17 13.62
CA ALA A 558 -1.84 10.62 12.73
C ALA A 558 -0.51 10.51 13.43
N ASP A 559 -0.13 11.53 14.21
CA ASP A 559 1.12 11.48 14.96
C ASP A 559 1.13 10.30 15.93
N LEU A 560 0.01 10.08 16.63
CA LEU A 560 -0.01 9.04 17.65
C LEU A 560 -0.03 7.65 17.02
N LEU A 561 -0.70 7.49 15.88
CA LEU A 561 -0.64 6.22 15.15
C LEU A 561 0.82 5.82 14.92
N ALA A 562 1.62 6.75 14.39
CA ALA A 562 3.01 6.45 14.06
C ALA A 562 3.83 6.19 15.31
N SER A 563 3.66 7.01 16.34
CA SER A 563 4.51 6.82 17.51
C SER A 563 3.95 5.78 18.47
N GLU A 564 2.65 5.83 18.76
CA GLU A 564 2.10 5.00 19.82
C GLU A 564 1.80 3.58 19.32
N HIS A 565 1.42 3.42 18.06
CA HIS A 565 1.28 2.07 17.50
C HIS A 565 2.59 1.59 16.90
N TYR A 566 3.02 2.17 15.79
CA TYR A 566 4.14 1.60 15.04
C TYR A 566 5.48 1.79 15.76
N GLY A 567 5.68 2.92 16.45
CA GLY A 567 6.86 3.04 17.29
C GLY A 567 6.91 1.99 18.41
N THR A 568 5.77 1.81 19.09
CA THR A 568 5.70 0.82 20.18
C THR A 568 5.88 -0.60 19.65
N VAL A 569 5.29 -0.90 18.49
CA VAL A 569 5.44 -2.23 17.92
C VAL A 569 6.90 -2.53 17.67
N ALA A 570 7.63 -1.54 17.10
CA ALA A 570 9.04 -1.74 16.81
C ALA A 570 9.83 -1.85 18.10
N ASP A 571 9.50 -1.03 19.11
CA ASP A 571 10.20 -1.11 20.40
C ASP A 571 10.06 -2.48 21.02
N VAL A 572 8.82 -2.97 21.09
CA VAL A 572 8.56 -4.27 21.71
C VAL A 572 9.23 -5.39 20.93
N ALA A 573 9.15 -5.33 19.60
CA ALA A 573 9.84 -6.32 18.78
C ALA A 573 11.33 -6.32 19.08
N HIS A 574 11.92 -5.13 19.13
CA HIS A 574 13.36 -5.02 19.36
C HIS A 574 13.73 -5.51 20.74
N GLU A 575 12.92 -5.20 21.74
CA GLU A 575 13.18 -5.71 23.08
C GLU A 575 13.19 -7.24 23.11
N ASN A 576 12.52 -7.88 22.15
CA ASN A 576 12.47 -9.33 22.04
C ASN A 576 13.36 -9.88 20.92
N ASP A 577 14.31 -9.07 20.42
CA ASP A 577 15.25 -9.50 19.38
C ASP A 577 14.55 -9.84 18.07
N LEU A 578 13.41 -9.22 17.82
CA LEU A 578 12.68 -9.40 16.57
C LEU A 578 12.85 -8.19 15.68
N LYS A 579 12.81 -8.41 14.37
CA LYS A 579 12.70 -7.33 13.40
C LYS A 579 11.24 -7.13 13.01
N VAL A 580 10.94 -5.97 12.44
CA VAL A 580 9.58 -5.63 12.01
C VAL A 580 9.59 -5.37 10.51
N TYR A 581 8.82 -6.18 9.77
CA TYR A 581 8.34 -5.84 8.44
C TYR A 581 7.10 -4.97 8.59
N GLY A 582 7.09 -3.79 7.97
CA GLY A 582 6.00 -2.87 8.26
C GLY A 582 5.35 -2.29 7.02
N GLU A 583 4.11 -2.72 6.77
CA GLU A 583 3.30 -2.10 5.74
C GLU A 583 2.57 -0.92 6.36
N ALA A 584 1.86 -0.17 5.53
CA ALA A 584 1.13 0.98 6.02
C ALA A 584 -0.30 1.00 5.49
N LEU A 585 -0.69 2.06 4.79
CA LEU A 585 -2.02 2.21 4.20
C LEU A 585 -2.30 1.35 2.98
N GLU A 586 -1.34 1.32 2.08
CA GLU A 586 -1.37 0.50 0.86
C GLU A 586 -2.38 0.99 -0.17
N ASP A 587 -3.65 1.13 0.23
CA ASP A 587 -4.77 1.31 -0.70
C ASP A 587 -5.51 2.60 -0.35
N HIS A 588 -5.26 3.65 -1.14
CA HIS A 588 -5.88 4.97 -0.97
C HIS A 588 -5.73 5.42 0.48
N ARG A 589 -6.82 5.79 1.17
CA ARG A 589 -6.72 6.43 2.48
C ARG A 589 -7.73 5.77 3.42
N PRO A 590 -7.38 4.59 3.94
CA PRO A 590 -8.34 3.86 4.79
C PRO A 590 -8.51 4.49 6.17
N LEU A 592 -6.64 7.89 9.01
CA LEU A 592 -5.64 8.94 9.18
C LEU A 592 -4.28 8.32 9.41
N GLY A 593 -3.26 9.07 9.03
CA GLY A 593 -1.89 8.62 9.19
C GLY A 593 -1.07 8.96 7.97
N ASP A 594 0.23 9.06 8.17
CA ASP A 594 1.19 9.29 7.10
C ASP A 594 1.92 7.99 6.82
N ASP A 595 1.93 7.55 5.55
CA ASP A 595 2.46 6.23 5.26
C ASP A 595 3.98 6.16 5.19
N ALA A 597 5.68 7.96 7.83
CA ALA A 597 5.88 7.95 9.27
C ALA A 597 5.51 6.60 9.85
N ARG A 599 5.92 3.80 8.72
CA ARG A 599 6.92 2.78 8.45
C ARG A 599 8.32 3.15 8.90
N SER A 600 8.49 4.36 9.45
CA SER A 600 9.82 4.89 9.73
C SER A 600 10.52 4.16 10.86
N HIS A 601 9.76 3.50 11.73
CA HIS A 601 10.30 2.75 12.86
C HIS A 601 10.57 1.29 12.54
N ALA A 602 10.04 0.80 11.43
CA ALA A 602 10.17 -0.61 11.12
C ALA A 602 11.56 -0.90 10.58
N ASP A 603 12.02 -2.13 10.77
CA ASP A 603 13.30 -2.54 10.22
C ASP A 603 13.23 -2.68 8.71
N ILE A 604 12.08 -3.12 8.21
CA ILE A 604 11.92 -3.32 6.77
C ILE A 604 10.61 -2.68 6.33
N PRO A 605 10.65 -1.45 5.83
CA PRO A 605 9.44 -0.85 5.24
C PRO A 605 8.94 -1.72 4.11
N ALA A 607 5.64 -2.65 1.21
CA ALA A 607 4.52 -2.22 0.38
C ALA A 607 3.95 -3.46 -0.30
N ALA A 608 3.18 -3.25 -1.38
CA ALA A 608 2.53 -4.34 -2.09
C ALA A 608 2.47 -4.02 -3.58
N LEU A 609 2.39 -5.07 -4.40
CA LEU A 609 2.09 -4.90 -5.82
C LEU A 609 1.28 -6.09 -6.31
N TRP A 610 0.14 -5.81 -6.94
CA TRP A 610 -0.70 -6.83 -7.52
C TRP A 610 -0.35 -7.03 -9.00
N THR A 611 -0.58 -8.24 -9.50
CA THR A 611 -0.47 -8.46 -10.93
C THR A 611 -1.53 -7.62 -11.64
N PHE A 612 -1.25 -7.30 -12.90
CA PHE A 612 -2.14 -6.46 -13.66
C PHE A 612 -1.99 -6.80 -15.14
N ASN A 613 -3.07 -6.61 -15.90
CA ASN A 613 -2.99 -6.69 -17.35
C ASN A 613 -2.18 -5.54 -17.91
N ARG A 614 -1.35 -5.84 -18.91
CA ARG A 614 -0.51 -4.80 -19.52
C ARG A 614 -1.35 -3.65 -20.05
N ASP A 615 -2.50 -3.98 -20.66
CA ASP A 615 -3.48 -2.97 -21.07
C ASP A 615 -3.78 -1.99 -19.94
N GLU A 616 -4.03 -2.50 -18.74
CA GLU A 616 -4.62 -1.68 -17.70
C GLU A 616 -3.58 -0.91 -16.89
N GLY A 617 -2.39 -1.46 -16.74
CA GLY A 617 -1.37 -0.88 -15.90
C GLY A 617 -1.60 -1.21 -14.44
N PRO A 618 -0.58 -0.99 -13.62
CA PRO A 618 -0.70 -1.32 -12.20
C PRO A 618 -1.71 -0.43 -11.50
N ARG A 619 -2.17 -0.89 -10.34
CA ARG A 619 -2.94 -0.03 -9.46
C ARG A 619 -2.04 1.09 -8.96
N GLN A 620 -2.41 2.34 -9.29
CA GLN A 620 -1.57 3.49 -8.97
C GLN A 620 -1.27 3.56 -7.47
N THR A 621 -2.25 3.23 -6.62
CA THR A 621 -2.02 3.35 -5.18
C THR A 621 -0.85 2.47 -4.74
N LEU A 622 -0.60 1.37 -5.46
CA LEU A 622 0.47 0.46 -5.11
C LEU A 622 1.82 0.98 -5.58
N ILE A 623 1.85 1.78 -6.64
CA ILE A 623 3.07 2.48 -7.02
C ILE A 623 3.47 3.47 -5.92
N ALA A 624 2.52 4.31 -5.51
CA ALA A 624 2.76 5.24 -4.40
C ALA A 624 3.15 4.49 -3.13
N ASP A 625 2.47 3.36 -2.86
CA ASP A 625 2.78 2.57 -1.67
C ASP A 625 4.24 2.14 -1.65
N LYS A 627 6.74 3.40 -3.55
CA LYS A 627 7.65 4.53 -3.59
C LYS A 627 7.78 5.16 -2.21
N GLY A 628 6.69 5.22 -1.47
CA GLY A 628 6.76 5.66 -0.09
C GLY A 628 7.63 4.75 0.75
N ALA A 629 7.44 3.44 0.62
CA ALA A 629 8.23 2.52 1.42
C ALA A 629 9.71 2.62 1.04
N ALA A 630 10.01 2.75 -0.26
CA ALA A 630 11.41 2.87 -0.67
C ALA A 630 12.00 4.16 -0.11
N SER A 631 11.24 5.25 -0.15
CA SER A 631 11.73 6.52 0.39
C SER A 631 12.07 6.39 1.87
N VAL A 632 11.22 5.68 2.63
CA VAL A 632 11.51 5.48 4.06
C VAL A 632 12.86 4.82 4.22
N ALA A 633 13.07 3.69 3.53
CA ALA A 633 14.29 2.93 3.68
C ALA A 633 15.52 3.75 3.29
N HIS A 634 15.39 4.62 2.28
CA HIS A 634 16.51 5.45 1.88
C HIS A 634 16.81 6.51 2.93
N LEU A 635 15.76 7.19 3.40
CA LEU A 635 15.94 8.29 4.35
C LEU A 635 16.31 7.79 5.75
N TYR A 636 15.62 6.78 6.26
CA TYR A 636 15.85 6.37 7.64
C TYR A 636 16.89 5.26 7.76
N GLY A 637 17.46 4.80 6.64
CA GLY A 637 18.61 3.93 6.69
C GLY A 637 18.33 2.45 6.86
N GLN A 638 17.09 2.02 6.72
CA GLN A 638 16.78 0.61 6.77
C GLN A 638 17.41 -0.11 5.58
N ASN A 639 17.39 0.56 4.43
CA ASN A 639 17.92 0.06 3.16
C ASN A 639 17.07 -1.03 2.51
N LEU A 640 16.63 -1.99 3.30
CA LEU A 640 15.77 -3.03 2.80
C LEU A 640 14.37 -2.48 2.53
N VAL A 641 13.78 -2.90 1.44
CA VAL A 641 12.44 -2.46 1.05
C VAL A 641 11.69 -3.71 0.64
N ALA A 642 10.69 -4.10 1.42
CA ALA A 642 9.96 -5.31 1.10
C ALA A 642 8.67 -4.96 0.36
N ALA A 643 8.16 -5.93 -0.37
CA ALA A 643 6.83 -5.79 -0.95
C ALA A 643 6.12 -7.13 -0.97
N GLU A 644 4.88 -7.10 -0.53
CA GLU A 644 3.90 -8.15 -0.77
C GLU A 644 3.68 -8.26 -2.28
N SER A 645 4.25 -9.29 -2.91
CA SER A 645 4.53 -9.28 -4.35
C SER A 645 3.61 -10.22 -5.10
N THR A 647 0.32 -10.45 -5.85
CA THR A 647 -1.04 -10.88 -5.55
C THR A 647 -1.85 -10.88 -6.84
N ALA A 648 -2.65 -11.93 -7.01
CA ALA A 648 -3.46 -12.10 -8.21
C ALA A 648 -4.86 -12.51 -7.80
N SER A 649 -5.82 -12.04 -8.57
CA SER A 649 -7.24 -12.29 -8.29
C SER A 649 -7.88 -13.01 -9.46
N ALA A 651 -7.33 -15.80 -11.16
CA ALA A 651 -6.46 -16.30 -12.23
C ALA A 651 -5.81 -17.60 -11.77
N PRO A 652 -6.62 -18.66 -11.64
CA PRO A 652 -6.14 -19.90 -10.99
C PRO A 652 -4.94 -20.52 -11.70
N TRP A 653 -3.82 -20.61 -10.98
CA TRP A 653 -2.60 -21.26 -11.45
C TRP A 653 -2.19 -20.80 -12.85
N ALA A 654 -2.55 -19.56 -13.21
CA ALA A 654 -2.31 -19.05 -14.55
C ALA A 654 -1.00 -18.27 -14.67
N PHE A 655 0.06 -18.68 -13.99
CA PHE A 655 1.31 -17.94 -14.05
C PHE A 655 2.50 -18.88 -14.05
N ALA A 656 3.39 -18.63 -14.99
CA ALA A 656 4.74 -19.16 -15.00
C ALA A 656 5.67 -17.95 -14.91
N PRO A 657 6.95 -18.14 -14.63
CA PRO A 657 7.84 -16.97 -14.47
C PRO A 657 7.81 -16.04 -15.67
N LYS A 658 7.54 -16.56 -16.85
CA LYS A 658 7.47 -15.74 -18.03
C LYS A 658 6.37 -14.68 -17.87
N ASP A 659 5.32 -15.01 -17.16
CA ASP A 659 4.24 -14.05 -16.93
C ASP A 659 4.51 -13.12 -15.77
N LEU A 660 5.45 -13.46 -14.90
CA LEU A 660 5.64 -12.68 -13.69
C LEU A 660 6.77 -11.67 -13.80
N LYS A 661 7.65 -11.81 -14.78
CA LYS A 661 8.88 -11.03 -14.79
C LYS A 661 8.60 -9.53 -14.76
N ARG A 662 7.69 -9.07 -15.62
CA ARG A 662 7.37 -7.65 -15.68
C ARG A 662 6.84 -7.11 -14.35
N PHE A 663 6.20 -7.96 -13.53
CA PHE A 663 5.70 -7.46 -12.24
C PHE A 663 6.87 -7.21 -11.28
N ILE A 664 7.77 -8.19 -11.12
CA ILE A 664 8.89 -8.08 -10.19
C ILE A 664 9.88 -7.02 -10.66
N ASP A 665 10.02 -6.85 -11.98
CA ASP A 665 10.86 -5.78 -12.51
C ASP A 665 10.27 -4.42 -12.16
N LEU A 666 8.94 -4.30 -12.17
CA LEU A 666 8.33 -3.05 -11.77
C LEU A 666 8.56 -2.77 -10.29
N GLU A 667 8.47 -3.80 -9.43
CA GLU A 667 8.80 -3.62 -8.03
C GLU A 667 10.26 -3.21 -7.86
N PHE A 668 11.15 -3.88 -8.59
CA PHE A 668 12.57 -3.57 -8.50
C PHE A 668 12.85 -2.11 -8.87
N VAL A 669 12.32 -1.65 -10.01
CA VAL A 669 12.66 -0.31 -10.48
C VAL A 669 11.96 0.77 -9.65
N THR A 670 10.95 0.41 -8.84
CA THR A 670 10.35 1.38 -7.93
C THR A 670 11.08 1.47 -6.60
N GLY A 671 11.98 0.54 -6.29
CA GLY A 671 12.76 0.60 -5.07
C GLY A 671 12.66 -0.64 -4.19
N VAL A 672 11.82 -1.62 -4.54
CA VAL A 672 11.78 -2.86 -3.78
C VAL A 672 13.07 -3.64 -4.00
N ASN A 673 13.62 -4.19 -2.91
CA ASN A 673 14.75 -5.10 -3.04
C ASN A 673 14.62 -6.31 -2.12
N ARG A 674 13.46 -6.57 -1.55
CA ARG A 674 13.18 -7.84 -0.87
C ARG A 674 11.74 -8.23 -1.18
N PRO A 675 11.51 -8.87 -2.32
CA PRO A 675 10.15 -9.32 -2.61
C PRO A 675 9.72 -10.36 -1.58
N VAL A 676 8.45 -10.26 -1.18
CA VAL A 676 7.82 -11.25 -0.33
C VAL A 676 6.64 -11.77 -1.14
N ILE A 677 6.81 -12.92 -1.75
CA ILE A 677 5.80 -13.42 -2.64
C ILE A 677 4.51 -13.85 -2.02
N HIS A 678 3.44 -13.28 -2.52
CA HIS A 678 2.12 -13.61 -2.12
C HIS A 678 1.58 -14.59 -3.14
N THR A 679 1.41 -15.88 -2.83
CA THR A 679 1.77 -16.56 -1.61
C THR A 679 2.17 -17.99 -1.87
N SER A 680 2.61 -18.63 -0.82
CA SER A 680 2.99 -19.97 -0.79
C SER A 680 2.14 -20.61 0.30
N VAL A 681 0.92 -20.97 -0.04
CA VAL A 681 0.03 -21.64 0.90
C VAL A 681 0.67 -22.95 1.37
N HIS A 682 0.51 -23.24 2.65
CA HIS A 682 1.05 -24.48 3.22
C HIS A 682 0.34 -25.70 2.64
N VAL A 683 1.15 -26.68 2.23
CA VAL A 683 0.64 -27.92 1.64
C VAL A 683 0.65 -29.01 2.69
N PRO A 684 -0.50 -29.35 3.27
CA PRO A 684 -0.52 -30.32 4.38
C PRO A 684 -0.46 -31.77 3.94
N VAL A 685 -0.91 -32.10 2.73
CA VAL A 685 -0.95 -33.47 2.23
C VAL A 685 -0.52 -33.44 0.77
N ASP A 686 0.12 -34.51 0.31
CA ASP A 686 0.69 -34.50 -1.04
C ASP A 686 -0.31 -34.87 -2.14
N ASP A 687 -1.38 -35.61 -1.82
CA ASP A 687 -2.20 -36.26 -2.85
C ASP A 687 -3.02 -35.27 -3.66
N LYS A 688 -3.50 -34.19 -3.04
CA LYS A 688 -4.38 -33.26 -3.74
C LYS A 688 -3.54 -32.24 -4.50
N LYS A 689 -3.56 -32.33 -5.83
CA LYS A 689 -2.79 -31.41 -6.67
C LYS A 689 -3.74 -30.66 -7.60
N PRO A 690 -3.52 -29.35 -7.79
CA PRO A 690 -2.51 -28.55 -7.10
C PRO A 690 -2.87 -28.24 -5.66
N GLY A 691 -4.10 -28.52 -5.24
CA GLY A 691 -4.43 -28.46 -3.83
C GLY A 691 -4.97 -27.14 -3.32
N LEU A 692 -4.64 -26.78 -2.08
CA LEU A 692 -5.21 -25.60 -1.44
C LEU A 692 -4.68 -24.31 -2.05
N SER A 693 -5.49 -23.27 -1.96
CA SER A 693 -5.15 -21.94 -2.44
C SER A 693 -5.73 -20.96 -1.42
N LEU A 694 -5.24 -19.75 -1.38
CA LEU A 694 -5.77 -18.76 -0.46
C LEU A 694 -6.97 -18.14 -1.11
N ALA A 695 -8.09 -18.81 -1.01
CA ALA A 695 -9.32 -18.38 -1.61
C ALA A 695 -9.16 -18.17 -3.12
N ILE A 696 -9.55 -17.04 -3.63
CA ILE A 696 -9.48 -16.76 -5.04
C ILE A 696 -8.19 -16.10 -5.41
N PHE A 697 -7.21 -16.10 -4.52
CA PHE A 697 -6.00 -15.40 -4.83
C PHE A 697 -4.79 -16.22 -5.12
N GLY A 698 -3.96 -15.69 -5.98
CA GLY A 698 -2.69 -16.26 -6.32
C GLY A 698 -1.72 -15.29 -5.68
N GLN A 699 -0.41 -15.43 -5.83
CA GLN A 699 0.25 -16.49 -6.54
C GLN A 699 0.04 -17.80 -5.86
N TYR A 700 0.30 -18.86 -6.59
CA TYR A 700 0.09 -20.23 -6.15
C TYR A 700 1.45 -20.93 -5.95
N PHE A 701 2.39 -20.20 -5.36
CA PHE A 701 3.82 -20.53 -5.44
C PHE A 701 4.23 -21.43 -4.27
N ASN A 702 3.87 -22.72 -4.37
CA ASN A 702 4.26 -23.69 -3.35
C ASN A 702 4.71 -24.98 -4.06
N ARG A 703 5.00 -26.01 -3.27
CA ARG A 703 5.62 -27.22 -3.82
C ARG A 703 4.69 -28.02 -4.71
N GLN A 704 3.39 -27.72 -4.69
CA GLN A 704 2.43 -28.34 -5.60
C GLN A 704 2.34 -27.61 -6.94
N GLU A 705 2.90 -26.40 -7.07
CA GLU A 705 2.91 -25.75 -8.38
C GLU A 705 3.51 -26.68 -9.43
N SER A 706 2.96 -26.64 -10.64
CA SER A 706 3.39 -27.59 -11.68
C SER A 706 4.88 -27.45 -11.99
N TRP A 707 5.38 -26.22 -12.06
CA TRP A 707 6.78 -25.96 -12.32
C TRP A 707 7.59 -25.76 -11.05
N ALA A 708 7.06 -26.20 -9.90
CA ALA A 708 7.68 -25.90 -8.62
C ALA A 708 9.11 -26.44 -8.53
N GLU A 709 9.35 -27.64 -9.04
CA GLU A 709 10.70 -28.16 -8.95
C GLU A 709 11.63 -27.55 -9.99
N ALA A 711 11.66 -23.97 -10.22
CA ALA A 711 11.55 -22.54 -9.91
C ALA A 711 12.85 -21.91 -9.45
N ARG A 712 13.88 -22.70 -9.19
CA ARG A 712 15.13 -22.14 -8.67
C ARG A 712 15.72 -21.05 -9.57
N PRO A 713 15.80 -21.21 -10.90
CA PRO A 713 16.35 -20.10 -11.72
C PRO A 713 15.54 -18.83 -11.60
N TRP A 714 14.20 -18.93 -11.51
CA TRP A 714 13.36 -17.76 -11.28
C TRP A 714 13.68 -17.10 -9.94
N VAL A 715 13.77 -17.89 -8.87
CA VAL A 715 14.10 -17.31 -7.58
C VAL A 715 15.51 -16.73 -7.59
N ASP A 716 16.43 -17.38 -8.32
CA ASP A 716 17.79 -16.84 -8.44
C ASP A 716 17.77 -15.49 -9.14
N TYR A 717 16.91 -15.34 -10.14
CA TYR A 717 16.77 -14.06 -10.81
C TYR A 717 16.33 -12.99 -9.84
N ILE A 718 15.36 -13.31 -8.99
CA ILE A 718 14.91 -12.37 -7.97
C ILE A 718 16.00 -12.12 -6.94
N ALA A 719 16.70 -13.17 -6.50
CA ALA A 719 17.76 -13.00 -5.51
C ALA A 719 18.93 -12.21 -6.06
N ARG A 720 19.29 -12.41 -7.34
CA ARG A 720 20.41 -11.67 -7.90
C ARG A 720 20.05 -10.20 -8.08
N SER A 721 18.83 -9.94 -8.54
CA SER A 721 18.40 -8.56 -8.70
C SER A 721 18.34 -7.86 -7.35
N SER A 722 17.81 -8.55 -6.33
CA SER A 722 17.71 -7.97 -5.01
C SER A 722 19.08 -7.66 -4.45
N LEU A 723 20.05 -8.56 -4.68
CA LEU A 723 21.41 -8.34 -4.16
C LEU A 723 21.96 -7.00 -4.63
N LEU A 724 21.97 -6.78 -5.95
CA LEU A 724 22.50 -5.53 -6.47
C LEU A 724 21.67 -4.35 -5.99
N LEU A 725 20.34 -4.53 -5.90
CA LEU A 725 19.45 -3.46 -5.48
C LEU A 725 19.46 -3.23 -3.97
N GLN A 726 20.21 -4.03 -3.22
CA GLN A 726 20.49 -3.70 -1.82
C GLN A 726 21.89 -3.12 -1.62
N THR A 727 22.72 -3.15 -2.65
CA THR A 727 24.13 -2.83 -2.51
C THR A 727 24.33 -1.33 -2.39
N GLY A 728 25.27 -0.92 -1.54
CA GLY A 728 25.51 0.51 -1.30
C GLY A 728 24.24 1.25 -0.89
N ARG A 729 24.05 2.43 -1.45
CA ARG A 729 22.87 3.23 -1.16
C ARG A 729 22.16 3.61 -2.45
N ASN A 730 20.85 3.77 -2.35
CA ASN A 730 20.12 4.48 -3.40
C ASN A 730 20.72 5.84 -3.66
N VAL A 731 20.75 6.23 -4.94
CA VAL A 731 21.11 7.58 -5.34
C VAL A 731 19.87 8.29 -5.86
N ALA A 732 19.55 9.45 -5.27
CA ALA A 732 18.47 10.28 -5.75
C ALA A 732 18.87 11.73 -5.60
N ASP A 733 18.46 12.57 -6.55
CA ASP A 733 18.83 13.98 -6.53
C ASP A 733 17.74 14.87 -5.97
N VAL A 734 16.48 14.44 -5.98
CA VAL A 734 15.35 15.28 -5.60
C VAL A 734 14.72 14.69 -4.35
N ALA A 735 14.53 15.52 -3.34
CA ALA A 735 13.69 15.15 -2.20
C ALA A 735 12.33 15.79 -2.44
N TYR A 736 11.33 14.97 -2.73
CA TYR A 736 10.02 15.48 -3.12
C TYR A 736 9.19 15.61 -1.85
N PHE A 737 9.04 16.83 -1.35
CA PHE A 737 8.21 17.09 -0.18
C PHE A 737 6.77 17.18 -0.64
N TYR A 738 5.90 16.32 -0.08
CA TYR A 738 4.53 16.19 -0.55
C TYR A 738 3.53 16.81 0.40
N GLY A 739 3.98 17.57 1.38
CA GLY A 739 3.06 18.33 2.20
C GLY A 739 2.73 17.68 3.52
N GLU A 740 1.76 18.29 4.21
CA GLU A 740 1.32 17.80 5.51
C GLU A 740 -0.11 17.27 5.55
N GLU A 741 -0.72 17.09 4.38
CA GLU A 741 -2.10 16.61 4.34
C GLU A 741 -2.25 15.11 4.07
N ALA A 742 -2.79 14.76 2.91
CA ALA A 742 -3.01 13.35 2.54
C ALA A 742 -1.73 12.57 2.32
N PRO A 743 -1.74 11.30 2.73
CA PRO A 743 -0.60 10.41 2.56
C PRO A 743 -0.34 10.16 1.08
N LEU A 744 0.74 9.43 0.81
CA LEU A 744 1.16 9.19 -0.58
C LEU A 744 0.15 8.32 -1.32
N THR A 745 -0.37 7.26 -0.66
CA THR A 745 -1.41 6.47 -1.30
C THR A 745 -2.71 7.25 -1.43
N GLY A 746 -2.84 8.36 -0.71
CA GLY A 746 -3.97 9.25 -0.86
C GLY A 746 -3.74 10.23 -1.99
N LEU A 747 -2.61 10.96 -1.94
CA LEU A 747 -2.33 11.93 -3.00
C LEU A 747 -2.31 11.26 -4.37
N TYR A 748 -1.73 10.07 -4.45
CA TYR A 748 -1.43 9.42 -5.71
C TYR A 748 -2.12 8.05 -5.80
N GLY A 749 -3.23 7.89 -5.07
CA GLY A 749 -4.00 6.66 -5.09
C GLY A 749 -4.68 6.40 -6.41
N ASP A 750 -5.02 7.45 -7.15
CA ASP A 750 -5.67 7.34 -8.43
C ASP A 750 -4.82 7.87 -9.57
N GLU A 751 -4.26 9.07 -9.40
CA GLU A 751 -3.41 9.67 -10.40
C GLU A 751 -1.97 9.65 -9.92
N PRO A 752 -1.03 9.14 -10.71
CA PRO A 752 0.37 9.13 -10.28
C PRO A 752 0.91 10.54 -10.16
N VAL A 753 1.98 10.66 -9.39
CA VAL A 753 2.63 11.96 -9.23
C VAL A 753 3.02 12.48 -10.62
N ALA A 754 2.49 13.64 -11.00
CA ALA A 754 2.74 14.18 -12.33
C ALA A 754 3.91 15.14 -12.36
N ASP A 755 4.58 15.28 -11.23
CA ASP A 755 5.40 16.41 -10.82
C ASP A 755 6.88 16.08 -10.74
N ALA A 756 7.20 14.80 -10.72
CA ALA A 756 8.46 14.20 -10.37
C ALA A 756 9.43 14.23 -11.55
N PRO A 757 10.72 14.19 -11.29
CA PRO A 757 11.70 14.13 -12.38
C PRO A 757 11.65 12.77 -13.08
N VAL A 758 12.19 12.73 -14.30
CA VAL A 758 12.31 11.49 -15.06
C VAL A 758 13.76 11.05 -15.20
N ARG A 759 14.64 11.98 -15.56
CA ARG A 759 16.05 11.69 -15.80
C ARG A 759 16.89 11.79 -14.53
N TYR A 760 16.23 12.07 -13.40
CA TYR A 760 16.84 12.09 -12.09
C TYR A 760 15.99 11.24 -11.14
N ALA A 761 16.61 10.57 -10.20
CA ALA A 761 15.85 9.79 -9.23
C ALA A 761 15.37 10.69 -8.10
N TYR A 762 14.36 10.23 -7.38
CA TYR A 762 13.79 11.02 -6.31
C TYR A 762 13.28 10.11 -5.19
N ASP A 763 13.25 10.70 -3.99
CA ASP A 763 12.61 10.15 -2.80
C ASP A 763 11.52 11.12 -2.37
N TYR A 764 10.45 10.59 -1.79
CA TYR A 764 9.53 11.43 -1.06
C TYR A 764 10.10 11.73 0.32
N ILE A 765 9.85 12.94 0.81
CA ILE A 765 10.14 13.30 2.20
C ILE A 765 8.86 13.85 2.80
N ASN A 766 8.57 13.46 4.03
CA ASN A 766 7.43 13.96 4.78
C ASN A 766 7.91 15.00 5.79
N PHE A 767 6.99 15.46 6.65
CA PHE A 767 7.34 16.51 7.59
C PHE A 767 8.47 16.06 8.51
N ASN A 768 8.40 14.83 9.03
CA ASN A 768 9.45 14.36 9.95
C ASN A 768 10.81 14.31 9.27
N ALA A 769 10.86 13.74 8.06
CA ALA A 769 12.12 13.71 7.33
C ALA A 769 12.63 15.11 7.06
N LEU A 770 11.75 16.01 6.61
CA LEU A 770 12.15 17.40 6.37
C LEU A 770 12.78 18.01 7.61
N THR A 771 12.15 17.83 8.76
CA THR A 771 12.50 18.60 9.95
C THR A 771 13.49 17.91 10.88
N GLU A 772 13.75 16.61 10.70
CA GLU A 772 14.61 15.87 11.62
C GLU A 772 15.82 15.22 10.98
N LEU A 773 15.78 14.91 9.69
CA LEU A 773 16.84 14.15 9.04
C LEU A 773 17.79 15.02 8.22
N LEU A 774 17.25 15.97 7.47
CA LEU A 774 18.01 16.67 6.45
C LEU A 774 18.88 17.74 7.08
N ALA A 775 20.13 17.78 6.65
CA ALA A 775 21.08 18.78 7.10
C ALA A 775 21.84 19.31 5.89
N ASN A 776 22.43 20.50 6.05
CA ASN A 776 23.21 21.09 4.97
C ASN A 776 24.54 20.37 4.80
N ASP A 777 24.94 20.14 3.56
CA ASP A 777 26.32 19.76 3.26
C ASP A 777 26.67 20.53 1.99
N GLY A 778 27.24 21.71 2.18
CA GLY A 778 27.53 22.58 1.07
C GLY A 778 26.21 23.02 0.46
N GLU A 779 26.02 22.67 -0.81
CA GLU A 779 24.78 23.00 -1.50
C GLU A 779 23.77 21.86 -1.44
N ASP A 780 24.13 20.75 -0.80
CA ASP A 780 23.33 19.53 -0.76
C ASP A 780 22.56 19.43 0.56
N LEU A 781 21.56 18.55 0.56
CA LEU A 781 20.88 18.14 1.78
C LEU A 781 21.17 16.67 2.00
N VAL A 782 21.68 16.34 3.18
CA VAL A 782 22.05 14.97 3.47
C VAL A 782 21.31 14.51 4.71
N ALA A 783 21.08 13.20 4.77
CA ALA A 783 20.49 12.49 5.87
C ALA A 783 21.55 11.58 6.47
N PRO A 784 21.41 11.17 7.74
CA PRO A 784 22.42 10.28 8.33
C PRO A 784 22.60 8.97 7.58
N SER A 785 21.59 8.53 6.82
CA SER A 785 21.73 7.31 6.05
C SER A 785 22.72 7.46 4.90
N GLY A 786 23.07 8.68 4.53
CA GLY A 786 23.84 8.92 3.33
C GLY A 786 23.01 9.35 2.14
N ALA A 787 21.69 9.28 2.25
CA ALA A 787 20.85 9.92 1.24
C ALA A 787 21.30 11.37 1.10
N ARG A 788 21.35 11.84 -0.14
CA ARG A 788 21.96 13.13 -0.45
C ARG A 788 21.24 13.73 -1.64
N TYR A 789 20.70 14.93 -1.48
CA TYR A 789 19.86 15.54 -2.50
C TYR A 789 20.41 16.91 -2.89
N LYS A 790 20.24 17.23 -4.17
CA LYS A 790 20.54 18.56 -4.70
C LYS A 790 19.47 19.57 -4.32
N THR A 791 18.24 19.15 -4.10
CA THR A 791 17.17 20.10 -3.87
C THR A 791 15.98 19.43 -3.21
N ILE A 792 15.17 20.25 -2.56
CA ILE A 792 13.83 19.87 -2.11
C ILE A 792 12.87 20.40 -3.15
N TYR A 793 11.89 19.58 -3.52
CA TYR A 793 10.83 20.01 -4.41
C TYR A 793 9.53 20.13 -3.63
N LEU A 794 8.82 21.25 -3.79
CA LEU A 794 7.56 21.44 -3.06
C LEU A 794 6.43 20.92 -3.94
N GLY A 795 5.95 19.72 -3.64
CA GLY A 795 4.88 19.12 -4.40
C GLY A 795 3.72 18.71 -3.51
N GLY A 796 2.91 17.77 -3.98
CA GLY A 796 1.84 17.24 -3.15
C GLY A 796 0.89 18.34 -2.70
N SER A 797 0.66 18.39 -1.39
CA SER A 797 -0.25 19.37 -0.81
C SER A 797 0.50 20.54 -0.16
N SER A 798 1.75 20.78 -0.56
CA SER A 798 2.60 21.69 0.19
C SER A 798 2.26 23.15 -0.04
N SER A 799 1.32 23.47 -0.93
CA SER A 799 0.79 24.83 -0.95
C SER A 799 0.17 25.23 0.39
N HIS A 800 -0.25 24.26 1.21
CA HIS A 800 -0.57 24.51 2.60
C HIS A 800 0.61 24.02 3.42
N THR A 802 2.84 24.48 7.23
CA THR A 802 2.82 24.92 8.61
C THR A 802 4.05 25.78 8.90
N LEU A 803 3.94 26.62 9.93
CA LEU A 803 5.08 27.46 10.30
C LEU A 803 6.28 26.60 10.64
N ALA A 804 6.04 25.50 11.38
CA ALA A 804 7.12 24.59 11.76
C ALA A 804 7.84 24.04 10.54
N ALA A 805 7.10 23.65 9.50
CA ALA A 805 7.75 23.17 8.29
C ALA A 805 8.47 24.32 7.61
N LEU A 806 7.82 25.48 7.52
CA LEU A 806 8.41 26.61 6.81
C LEU A 806 9.69 27.07 7.50
N ARG A 807 9.69 27.06 8.84
CA ARG A 807 10.89 27.41 9.59
C ARG A 807 12.06 26.51 9.21
N LYS A 808 11.83 25.20 9.19
CA LYS A 808 12.90 24.29 8.86
C LYS A 808 13.36 24.46 7.41
N LEU A 809 12.41 24.67 6.52
CA LEU A 809 12.74 24.86 5.11
C LEU A 809 13.56 26.13 4.92
N ALA A 810 13.13 27.23 5.54
CA ALA A 810 13.89 28.47 5.49
C ALA A 810 15.28 28.29 6.09
N ALA A 811 15.39 27.55 7.19
CA ALA A 811 16.70 27.38 7.82
C ALA A 811 17.64 26.58 6.92
N LEU A 812 17.11 25.56 6.25
CA LEU A 812 17.96 24.79 5.34
C LEU A 812 18.39 25.64 4.14
N VAL A 813 17.45 26.38 3.55
CA VAL A 813 17.78 27.33 2.49
C VAL A 813 18.88 28.28 2.95
N VAL A 814 18.64 29.00 4.06
CA VAL A 814 19.63 29.96 4.55
C VAL A 814 20.96 29.27 4.84
N GLY A 815 20.91 27.99 5.24
CA GLY A 815 22.13 27.23 5.49
C GLY A 815 22.82 26.71 4.23
N GLY A 816 22.23 26.94 3.06
CA GLY A 816 22.90 26.64 1.80
C GLY A 816 22.14 25.78 0.80
N ALA A 817 20.94 25.32 1.16
CA ALA A 817 20.22 24.37 0.32
C ALA A 817 19.38 25.09 -0.74
N THR A 818 19.00 24.33 -1.75
CA THR A 818 18.13 24.80 -2.83
C THR A 818 16.74 24.21 -2.67
N VAL A 819 15.72 25.05 -2.82
CA VAL A 819 14.33 24.63 -2.82
C VAL A 819 13.72 25.01 -4.16
N VAL A 820 13.03 24.06 -4.78
CA VAL A 820 12.29 24.29 -6.02
C VAL A 820 10.82 24.20 -5.68
N GLY A 821 10.09 25.29 -5.90
CA GLY A 821 8.67 25.28 -5.64
C GLY A 821 8.15 26.69 -5.50
N LYS A 822 6.83 26.80 -5.58
CA LYS A 822 6.18 28.08 -5.42
C LYS A 822 5.75 28.28 -3.98
N ALA A 823 5.61 29.55 -3.61
CA ALA A 823 5.34 29.90 -2.23
C ALA A 823 4.03 29.25 -1.75
N PRO A 824 4.00 28.69 -0.54
CA PRO A 824 2.74 28.23 0.01
C PRO A 824 1.78 29.39 0.22
N ILE A 825 0.48 29.08 0.26
CA ILE A 825 -0.53 30.12 0.33
C ILE A 825 -1.16 30.25 1.71
N ALA A 826 -0.99 29.25 2.58
CA ALA A 826 -1.62 29.33 3.91
C ALA A 826 -0.99 28.29 4.82
N THR A 827 -1.13 28.54 6.25
CA THR A 827 -0.92 27.35 7.06
C THR A 827 -2.24 26.63 7.28
N PRO A 828 -2.21 25.29 7.38
CA PRO A 828 -3.42 24.54 7.75
C PRO A 828 -3.66 24.43 9.24
N SER A 829 -2.74 24.91 10.07
CA SER A 829 -2.74 24.68 11.51
C SER A 829 -3.01 25.97 12.28
N ASN A 830 -3.55 25.82 13.50
CA ASN A 830 -3.74 26.92 14.44
C ASN A 830 -2.52 27.14 15.33
N THR A 831 -1.49 26.28 15.22
CA THR A 831 -0.38 26.34 16.16
C THR A 831 0.27 27.72 16.18
N SER A 832 0.58 28.26 14.99
CA SER A 832 1.28 29.54 14.96
C SER A 832 0.39 30.68 15.44
N ALA A 833 -0.91 30.65 15.15
CA ALA A 833 -1.78 31.69 15.68
C ALA A 833 -1.90 31.59 17.20
N GLN A 834 -2.03 30.35 17.71
CA GLN A 834 -2.19 30.16 19.15
C GLN A 834 -0.92 30.52 19.92
N GLU A 835 0.25 30.30 19.32
CA GLU A 835 1.51 30.63 19.97
C GLU A 835 1.95 32.06 19.71
N GLY A 836 1.17 32.84 18.95
CA GLY A 836 1.51 34.23 18.69
C GLY A 836 2.54 34.46 17.61
N ASP A 837 2.74 33.50 16.72
CA ASP A 837 3.72 33.59 15.64
C ASP A 837 3.15 33.93 14.27
N LEU A 838 2.07 34.66 14.29
CA LEU A 838 1.40 35.12 13.09
C LEU A 838 2.36 35.60 12.01
N THR A 839 2.90 36.77 12.27
CA THR A 839 3.83 37.49 11.44
C THR A 839 5.01 36.74 10.86
N GLU A 840 5.57 35.81 11.59
CA GLU A 840 6.77 35.10 11.17
C GLU A 840 6.54 34.25 9.93
N TRP A 841 5.37 33.61 9.82
CA TRP A 841 5.05 32.81 8.65
C TRP A 841 5.15 33.66 7.39
N SER A 842 4.51 34.84 7.42
CA SER A 842 4.53 35.74 6.27
C SER A 842 5.95 36.27 5.99
N SER A 843 6.72 36.54 7.03
CA SER A 843 8.08 37.03 6.82
C SER A 843 8.92 35.98 6.12
N LEU A 844 8.79 34.73 6.55
CA LEU A 844 9.57 33.66 5.95
C LEU A 844 9.16 33.43 4.50
N VAL A 845 7.86 33.50 4.21
CA VAL A 845 7.43 33.39 2.82
C VAL A 845 8.03 34.52 2.00
N ALA A 846 7.97 35.76 2.53
CA ALA A 846 8.53 36.88 1.78
C ALA A 846 10.03 36.73 1.57
N ARG A 847 10.74 36.11 2.52
CA ARG A 847 12.18 35.96 2.35
C ARG A 847 12.53 34.91 1.31
N LEU A 848 11.85 33.76 1.35
CA LEU A 848 12.20 32.71 0.40
C LEU A 848 11.63 33.00 -0.98
N TRP A 849 10.56 33.76 -1.06
CA TRP A 849 9.89 34.05 -2.34
C TRP A 849 9.75 35.56 -2.50
N PRO A 850 10.87 36.27 -2.68
CA PRO A 850 10.81 37.75 -2.71
C PRO A 850 10.16 38.30 -3.95
N GLY A 851 10.10 37.53 -5.04
CA GLY A 851 9.38 37.94 -6.23
C GLY A 851 10.10 37.58 -7.51
N SER A 852 11.44 37.56 -7.47
CA SER A 852 12.21 37.36 -8.69
C SER A 852 11.93 36.00 -9.32
N GLY A 853 11.47 35.03 -8.55
CA GLY A 853 11.26 33.69 -9.06
C GLY A 853 12.50 32.81 -9.08
N ASP A 854 13.67 33.36 -8.75
CA ASP A 854 14.90 32.60 -8.62
C ASP A 854 15.83 33.44 -7.76
N ALA A 855 15.72 33.28 -6.44
CA ALA A 855 16.36 34.17 -5.50
C ALA A 855 17.45 33.45 -4.71
N ARG A 856 18.58 34.13 -4.54
CA ARG A 856 19.58 33.76 -3.55
C ARG A 856 19.07 34.20 -2.19
N VAL A 857 19.04 33.26 -1.25
CA VAL A 857 18.40 33.43 0.05
C VAL A 857 19.38 32.88 1.07
N GLY A 858 20.00 33.77 1.85
CA GLY A 858 21.10 33.31 2.66
C GLY A 858 22.16 32.71 1.79
N LYS A 859 22.73 31.58 2.21
CA LYS A 859 23.69 30.91 1.36
C LYS A 859 23.05 29.98 0.34
N GLY A 860 21.72 29.88 0.31
CA GLY A 860 21.02 28.94 -0.55
C GLY A 860 20.23 29.62 -1.65
N ARG A 861 19.20 28.91 -2.12
CA ARG A 861 18.53 29.33 -3.35
C ARG A 861 17.13 28.77 -3.40
N VAL A 862 16.19 29.58 -3.84
CA VAL A 862 14.78 29.20 -3.98
C VAL A 862 14.39 29.50 -5.41
N ILE A 863 14.05 28.46 -6.17
CA ILE A 863 13.60 28.59 -7.55
C ILE A 863 12.08 28.41 -7.56
N ALA A 864 11.35 29.48 -7.84
CA ALA A 864 9.89 29.49 -7.75
C ALA A 864 9.30 28.89 -9.02
N SER A 865 9.47 27.58 -9.12
CA SER A 865 9.09 26.83 -10.29
C SER A 865 8.44 25.52 -9.85
N GLN A 866 7.63 24.97 -10.75
CA GLN A 866 7.08 23.62 -10.60
C GLN A 866 7.55 22.74 -11.76
N ASP A 867 8.70 23.09 -12.34
CA ASP A 867 9.35 22.36 -13.42
C ASP A 867 10.69 21.85 -12.88
N ILE A 868 10.71 20.62 -12.39
CA ILE A 868 11.85 20.18 -11.60
C ILE A 868 13.08 20.02 -12.47
N GLU A 869 12.93 19.51 -13.69
CA GLU A 869 14.10 19.27 -14.50
C GLU A 869 14.68 20.56 -15.07
N SER A 870 13.83 21.55 -15.32
CA SER A 870 14.35 22.83 -15.76
C SER A 870 15.03 23.57 -14.62
N ALA A 871 14.61 23.33 -13.38
CA ALA A 871 15.32 23.94 -12.26
C ALA A 871 16.65 23.23 -12.03
N LEU A 872 16.68 21.90 -12.14
CA LEU A 872 17.95 21.18 -12.03
C LEU A 872 18.91 21.62 -13.12
N GLN A 873 18.40 21.88 -14.32
CA GLN A 873 19.24 22.43 -15.38
C GLN A 873 19.82 23.77 -14.97
N ALA A 874 18.99 24.64 -14.37
CA ALA A 874 19.48 25.95 -13.94
C ALA A 874 20.42 25.87 -12.75
N ASP A 876 22.76 23.59 -12.87
CA ASP A 876 23.87 22.92 -13.54
C ASP A 876 24.04 21.49 -13.01
N VAL A 877 22.92 20.81 -12.77
CA VAL A 877 22.94 19.41 -12.34
C VAL A 877 22.59 18.57 -13.56
N ALA A 878 23.58 17.82 -14.06
CA ALA A 878 23.37 17.00 -15.25
C ALA A 878 22.40 15.85 -14.96
N PRO A 879 21.64 15.42 -15.97
CA PRO A 879 20.79 14.23 -15.80
C PRO A 879 21.58 13.03 -15.33
N ASP A 880 20.97 12.25 -14.44
CA ASP A 880 21.63 11.03 -13.98
C ASP A 880 21.55 9.94 -15.04
N PHE A 881 20.36 9.70 -15.59
CA PHE A 881 20.18 8.70 -16.63
C PHE A 881 19.25 9.25 -17.69
N THR A 882 19.67 9.15 -18.93
CA THR A 882 18.81 9.49 -20.06
C THR A 882 19.27 8.67 -21.26
N PHE A 883 18.51 8.75 -22.34
CA PHE A 883 18.76 7.86 -23.47
C PHE A 883 18.16 8.43 -24.76
N THR A 884 18.83 8.13 -25.87
CA THR A 884 18.32 8.43 -27.20
C THR A 884 18.17 7.15 -28.00
N GLY A 885 17.44 7.24 -29.10
CA GLY A 885 17.28 6.14 -30.04
C GLY A 885 16.05 5.28 -29.86
N ALA A 886 15.14 5.64 -28.96
CA ALA A 886 13.88 4.95 -28.79
C ALA A 886 12.75 5.83 -29.27
N ASP A 887 11.60 5.20 -29.52
CA ASP A 887 10.40 5.92 -29.90
C ASP A 887 9.95 6.85 -28.78
N ALA A 888 9.07 7.79 -29.12
CA ALA A 888 8.47 8.62 -28.09
C ALA A 888 7.52 7.77 -27.25
N GLY A 889 7.41 8.11 -25.97
CA GLY A 889 6.62 7.34 -25.03
C GLY A 889 7.28 6.10 -24.49
N VAL A 890 8.45 5.72 -25.02
CA VAL A 890 9.16 4.57 -24.46
C VAL A 890 9.67 4.94 -23.08
N LYS A 891 9.31 4.15 -22.09
CA LYS A 891 9.78 4.37 -20.73
C LYS A 891 10.88 3.38 -20.44
N ILE A 892 11.99 3.87 -19.92
CA ILE A 892 13.05 3.01 -19.38
C ILE A 892 13.41 3.57 -18.02
N PRO A 893 12.59 3.37 -16.99
CA PRO A 893 12.89 3.92 -15.67
C PRO A 893 14.14 3.26 -15.11
N PHE A 894 14.69 3.83 -14.04
CA PHE A 894 15.98 3.35 -13.60
C PHE A 894 16.13 3.49 -12.09
N VAL A 895 17.00 2.66 -11.54
CA VAL A 895 17.51 2.81 -10.18
C VAL A 895 19.02 3.00 -10.28
N HIS A 896 19.53 3.86 -9.41
CA HIS A 896 20.96 4.16 -9.30
C HIS A 896 21.39 3.81 -7.88
N ARG A 897 22.31 2.87 -7.76
CA ARG A 897 22.90 2.49 -6.48
C ARG A 897 24.36 2.91 -6.47
N ARG A 898 24.87 3.24 -5.29
CA ARG A 898 26.26 3.69 -5.20
C ARG A 898 26.95 3.18 -3.95
N ASP A 899 28.20 2.80 -4.15
CA ASP A 899 29.10 2.17 -3.21
C ASP A 899 30.42 2.92 -3.31
N GLY A 900 31.33 2.64 -2.38
CA GLY A 900 32.69 3.13 -2.52
C GLY A 900 33.41 2.54 -3.73
N LYS A 901 32.91 1.41 -4.26
CA LYS A 901 33.53 0.74 -5.38
C LYS A 901 32.95 1.13 -6.73
N GLY A 902 31.81 1.81 -6.76
CA GLY A 902 31.30 2.35 -8.02
C GLY A 902 29.79 2.41 -8.07
N GLU A 903 29.28 2.54 -9.29
CA GLU A 903 27.86 2.76 -9.52
C GLU A 903 27.21 1.49 -10.07
N ILE A 904 25.93 1.32 -9.78
CA ILE A 904 25.11 0.29 -10.39
C ILE A 904 23.83 0.96 -10.87
N TYR A 905 23.57 0.90 -12.17
CA TYR A 905 22.31 1.36 -12.73
C TYR A 905 21.46 0.15 -13.07
N TYR A 906 20.19 0.21 -12.69
CA TYR A 906 19.21 -0.81 -13.04
C TYR A 906 18.25 -0.18 -14.03
N LEU A 907 18.08 -0.83 -15.19
CA LEU A 907 17.23 -0.35 -16.26
C LEU A 907 16.16 -1.40 -16.59
N VAL A 908 14.94 -0.94 -16.88
CA VAL A 908 13.87 -1.83 -17.32
C VAL A 908 13.21 -1.24 -18.55
N ASN A 909 13.25 -1.98 -19.66
CA ASN A 909 12.50 -1.59 -20.86
C ASN A 909 11.06 -2.02 -20.66
N GLN A 910 10.22 -1.06 -20.25
CA GLN A 910 8.82 -1.36 -19.99
C GLN A 910 7.98 -1.40 -21.26
N GLN A 911 8.45 -2.13 -22.24
CA GLN A 911 7.71 -2.25 -23.48
C GLN A 911 7.91 -3.61 -24.10
N GLU A 912 6.90 -4.10 -24.80
CA GLU A 912 7.07 -5.37 -25.51
C GLU A 912 8.08 -5.23 -26.64
N ALA A 913 8.17 -4.08 -27.28
CA ALA A 913 9.10 -3.88 -28.39
C ALA A 913 10.53 -3.71 -27.89
N ALA A 914 11.44 -4.48 -28.48
CA ALA A 914 12.86 -4.30 -28.24
C ALA A 914 13.27 -2.87 -28.56
N GLN A 915 14.30 -2.39 -27.86
CA GLN A 915 14.86 -1.05 -28.08
C GLN A 915 16.36 -1.15 -28.29
N SER A 916 16.87 -0.30 -29.19
CA SER A 916 18.29 -0.07 -29.39
C SER A 916 18.53 1.38 -29.05
N ILE A 917 19.14 1.65 -27.91
CA ILE A 917 19.30 3.01 -27.43
C ILE A 917 20.78 3.34 -27.29
N GLU A 918 21.04 4.63 -27.12
CA GLU A 918 22.31 5.10 -26.57
C GLU A 918 22.00 5.61 -25.17
N ALA A 919 22.58 4.96 -24.17
CA ALA A 919 22.27 5.23 -22.77
C ALA A 919 23.34 6.13 -22.19
N HIS A 920 22.91 7.21 -21.51
CA HIS A 920 23.79 8.24 -20.94
C HIS A 920 23.73 8.15 -19.43
N PHE A 921 24.88 7.90 -18.81
CA PHE A 921 24.98 7.79 -17.36
C PHE A 921 25.89 8.90 -16.85
N ARG A 922 25.47 9.53 -15.75
CA ARG A 922 26.27 10.58 -15.12
C ARG A 922 27.36 9.92 -14.28
N VAL A 923 28.34 9.36 -14.97
CA VAL A 923 29.45 8.69 -14.31
C VAL A 923 30.63 8.70 -15.28
N THR A 924 31.82 8.57 -14.71
CA THR A 924 33.07 8.78 -15.40
C THR A 924 34.12 7.89 -14.74
N GLY A 925 35.21 7.62 -15.46
CA GLY A 925 36.29 6.86 -14.86
C GLY A 925 36.08 5.36 -14.67
N LYS A 926 34.95 4.81 -15.13
CA LYS A 926 34.63 3.40 -14.92
C LYS A 926 34.31 2.72 -16.25
N GLN A 927 34.75 1.49 -16.43
CA GLN A 927 34.35 0.79 -17.63
C GLN A 927 33.09 -0.01 -17.34
N PRO A 928 31.98 0.32 -17.97
CA PRO A 928 30.72 -0.33 -17.64
C PRO A 928 30.73 -1.79 -18.06
N GLU A 929 29.96 -2.59 -17.35
CA GLU A 929 29.68 -3.97 -17.74
C GLU A 929 28.20 -4.24 -17.53
N LEU A 930 27.63 -5.08 -18.39
CA LEU A 930 26.27 -5.56 -18.15
C LEU A 930 26.32 -6.78 -17.23
N TRP A 931 25.49 -6.76 -16.18
CA TRP A 931 25.30 -7.91 -15.30
C TRP A 931 23.90 -8.45 -15.49
N HIS A 932 23.80 -9.76 -15.75
CA HIS A 932 22.53 -10.37 -16.09
C HIS A 932 22.02 -11.18 -14.92
N PRO A 933 20.88 -10.84 -14.32
CA PRO A 933 20.39 -11.65 -13.18
C PRO A 933 19.90 -13.03 -13.58
N GLU A 934 19.56 -13.27 -14.85
CA GLU A 934 19.18 -14.61 -15.29
C GLU A 934 20.28 -15.60 -15.00
N THR A 935 21.54 -15.19 -15.17
CA THR A 935 22.67 -16.11 -15.20
C THR A 935 23.69 -15.83 -14.13
N GLY A 936 23.73 -14.62 -13.57
CA GLY A 936 24.77 -14.29 -12.62
C GLY A 936 26.10 -14.01 -13.27
N LYS A 937 26.11 -13.72 -14.58
CA LYS A 937 27.31 -13.45 -15.34
C LYS A 937 27.34 -11.98 -15.77
N SER A 938 28.55 -11.48 -15.97
CA SER A 938 28.76 -10.15 -16.49
C SER A 938 29.35 -10.24 -17.89
N GLU A 939 29.17 -9.16 -18.64
CA GLU A 939 29.50 -9.12 -20.05
C GLU A 939 30.07 -7.74 -20.35
N PRO A 940 31.16 -7.68 -21.12
CA PRO A 940 31.71 -6.38 -21.49
C PRO A 940 30.83 -5.70 -22.53
N ILE A 941 30.98 -4.38 -22.61
CA ILE A 941 30.12 -3.55 -23.44
C ILE A 941 30.94 -2.39 -23.98
N SER A 942 30.58 -1.91 -25.17
CA SER A 942 31.21 -0.74 -25.75
C SER A 942 30.76 0.51 -25.01
N TYR A 943 31.64 1.52 -24.97
CA TYR A 943 31.29 2.75 -24.26
C TYR A 943 32.21 3.87 -24.70
N ARG A 944 31.77 5.10 -24.42
CA ARG A 944 32.58 6.29 -24.59
C ARG A 944 32.39 7.19 -23.38
N ILE A 945 33.50 7.58 -22.76
CA ILE A 945 33.48 8.48 -21.62
C ILE A 945 33.87 9.86 -22.14
N SER A 946 33.07 10.87 -21.82
CA SER A 946 33.25 12.17 -22.42
C SER A 946 32.32 13.18 -21.78
N GLY A 947 32.84 14.36 -21.47
CA GLY A 947 32.03 15.46 -20.99
C GLY A 947 31.19 15.13 -19.77
N GLY A 948 31.75 14.42 -18.80
CA GLY A 948 31.03 14.18 -17.57
C GLY A 948 30.03 13.05 -17.61
N GLU A 949 29.96 12.30 -18.70
CA GLU A 949 29.02 11.21 -18.82
C GLU A 949 29.67 10.03 -19.55
N THR A 950 29.06 8.86 -19.40
CA THR A 950 29.42 7.68 -20.16
C THR A 950 28.25 7.34 -21.06
N VAL A 951 28.52 7.10 -22.32
CA VAL A 951 27.50 6.75 -23.27
C VAL A 951 27.69 5.29 -23.66
N VAL A 952 26.62 4.52 -23.54
CA VAL A 952 26.70 3.11 -23.81
C VAL A 952 25.65 2.69 -24.76
N PRO A 953 25.99 2.04 -25.86
CA PRO A 953 24.94 1.58 -26.76
C PRO A 953 24.33 0.31 -26.16
N LEU A 954 23.03 0.28 -26.02
CA LEU A 954 22.35 -0.85 -25.39
C LEU A 954 21.29 -1.39 -26.32
N HIS A 955 21.22 -2.71 -26.39
CA HIS A 955 20.05 -3.36 -26.96
C HIS A 955 19.27 -3.96 -25.80
N LEU A 956 17.98 -3.66 -25.76
CA LEU A 956 17.12 -4.19 -24.71
C LEU A 956 16.00 -4.99 -25.38
N ASP A 957 15.91 -6.27 -25.04
CA ASP A 957 14.75 -7.03 -25.49
C ASP A 957 13.50 -6.46 -24.84
N GLY A 958 12.35 -6.82 -25.39
CA GLY A 958 11.10 -6.45 -24.74
C GLY A 958 11.07 -6.91 -23.29
N ASP A 959 10.71 -6.01 -22.37
CA ASP A 959 10.68 -6.30 -20.94
C ASP A 959 12.03 -6.71 -20.38
N GLU A 960 13.13 -6.48 -21.09
CA GLU A 960 14.42 -6.82 -20.52
C GLU A 960 14.74 -5.88 -19.35
N ALA A 961 15.31 -6.46 -18.31
CA ALA A 961 15.87 -5.76 -17.18
C ALA A 961 17.36 -6.10 -17.13
N VAL A 962 18.19 -5.11 -16.85
CA VAL A 962 19.63 -5.35 -16.87
C VAL A 962 20.32 -4.37 -15.95
N PHE A 963 21.46 -4.79 -15.42
CA PHE A 963 22.28 -3.92 -14.61
C PHE A 963 23.46 -3.43 -15.44
N VAL A 964 23.65 -2.12 -15.47
CA VAL A 964 24.83 -1.52 -16.07
C VAL A 964 25.71 -1.10 -14.90
N VAL A 965 26.83 -1.80 -14.74
CA VAL A 965 27.65 -1.73 -13.54
C VAL A 965 28.93 -0.96 -13.87
N PHE A 966 29.24 0.05 -13.05
CA PHE A 966 30.41 0.91 -13.22
C PHE A 966 31.31 0.75 -12.00
N ARG A 967 32.12 -0.29 -11.98
CA ARG A 967 32.96 -0.51 -10.82
C ARG A 967 34.42 -0.70 -11.19
N LYS A 968 34.69 -1.35 -12.33
CA LYS A 968 36.04 -1.49 -12.81
C LYS A 968 36.59 -0.14 -13.25
N ALA A 969 37.78 0.22 -12.79
CA ALA A 969 38.43 1.45 -13.25
C ALA A 969 38.66 1.38 -14.76
N ALA A 970 38.32 2.47 -15.44
CA ALA A 970 38.45 2.54 -16.89
C ALA A 970 39.92 2.71 -17.27
N ALA A 971 40.47 1.73 -18.00
CA ALA A 971 41.81 1.90 -18.56
C ALA A 971 41.82 2.91 -19.68
N ARG A 972 40.86 2.81 -20.59
CA ARG A 972 40.67 3.76 -21.68
C ARG A 972 39.35 4.47 -21.48
N ASP A 973 39.22 5.64 -22.09
CA ASP A 973 37.96 6.37 -22.04
C ASP A 973 36.99 5.97 -23.15
N ARG A 974 37.43 5.20 -24.14
CA ARG A 974 36.54 4.71 -25.19
C ARG A 974 36.92 3.28 -25.56
N VAL A 975 35.93 2.39 -25.55
CA VAL A 975 36.09 1.03 -26.06
C VAL A 975 34.95 0.79 -27.04
N THR A 976 35.30 0.38 -28.26
CA THR A 976 34.36 -0.09 -29.27
C THR A 976 34.63 -1.57 -29.46
N LEU A 977 33.73 -2.42 -28.98
CA LEU A 977 33.93 -3.86 -29.14
C LEU A 977 33.67 -4.26 -30.58
N ALA A 978 34.42 -5.26 -31.04
CA ALA A 978 34.16 -5.81 -32.36
C ALA A 978 32.70 -6.21 -32.47
N ARG A 979 32.05 -5.78 -33.55
CA ARG A 979 30.68 -6.17 -33.80
C ARG A 979 30.56 -7.69 -33.84
N GLN A 980 29.58 -8.22 -33.14
CA GLN A 980 29.33 -9.65 -33.09
C GLN A 980 28.12 -9.94 -33.96
N GLY A 981 28.31 -10.79 -34.98
CA GLY A 981 27.21 -11.23 -35.80
C GLY A 981 26.58 -12.51 -35.29
N GLU A 982 25.32 -12.72 -35.66
CA GLU A 982 24.60 -13.95 -35.39
C GLU A 982 24.57 -14.79 -36.66
N ARG A 983 24.65 -16.11 -36.50
CA ARG A 983 24.57 -16.98 -37.66
C ARG A 983 23.90 -18.28 -37.27
N ALA A 984 22.73 -18.55 -37.83
CA ALA A 984 22.09 -19.85 -37.68
C ALA A 984 22.97 -20.92 -38.30
N VAL A 985 23.21 -21.98 -37.53
CA VAL A 985 24.09 -23.07 -37.94
C VAL A 985 23.30 -24.33 -38.27
N ALA A 986 22.21 -24.56 -37.54
CA ALA A 986 21.31 -25.68 -37.82
C ALA A 986 19.99 -25.40 -37.12
N THR A 987 18.94 -26.02 -37.65
CA THR A 987 17.65 -26.09 -36.99
C THR A 987 17.46 -27.52 -36.52
N LEU A 988 17.20 -27.72 -35.24
CA LEU A 988 17.00 -29.05 -34.75
C LEU A 988 15.57 -29.45 -34.97
N ASP A 989 15.24 -29.72 -36.22
CA ASP A 989 13.93 -30.15 -36.66
C ASP A 989 14.03 -31.66 -36.60
N GLY A 990 13.09 -32.37 -37.20
CA GLY A 990 13.15 -33.80 -37.14
C GLY A 990 12.45 -34.35 -35.93
N ALA A 991 12.76 -35.59 -35.61
CA ALA A 991 12.08 -36.32 -34.54
C ALA A 991 12.63 -36.00 -33.16
N TRP A 992 11.73 -35.94 -32.18
CA TRP A 992 12.11 -35.82 -30.78
C TRP A 992 11.42 -36.90 -29.96
N GLN A 993 12.14 -37.42 -28.97
CA GLN A 993 11.52 -38.23 -27.93
C GLN A 993 10.98 -37.30 -26.85
N VAL A 994 9.77 -37.59 -26.39
CA VAL A 994 9.16 -36.85 -25.30
C VAL A 994 8.73 -37.83 -24.22
N ALA A 995 9.18 -37.59 -22.99
CA ALA A 995 8.74 -38.39 -21.86
C ALA A 995 7.99 -37.50 -20.89
N PHE A 996 6.86 -37.99 -20.38
CA PHE A 996 5.98 -37.19 -19.56
C PHE A 996 6.07 -37.60 -18.09
N GLN A 997 6.15 -36.59 -17.23
CA GLN A 997 6.04 -36.78 -15.79
C GLN A 997 4.88 -37.72 -15.45
N ALA A 998 5.17 -38.69 -14.58
CA ALA A 998 4.21 -39.75 -14.28
C ALA A 998 3.06 -39.20 -13.44
N ASP A 999 1.93 -39.91 -13.51
CA ASP A 999 0.74 -39.59 -12.72
C ASP A 999 0.23 -38.19 -13.03
N ARG A 1000 0.29 -37.83 -14.31
CA ARG A 1000 -0.19 -36.54 -14.78
C ARG A 1000 -1.17 -36.71 -15.93
N GLY A 1001 -1.69 -37.92 -16.13
CA GLY A 1001 -2.64 -38.16 -17.19
C GLY A 1001 -2.05 -38.33 -18.56
N ALA A 1002 -0.74 -38.27 -18.71
CA ALA A 1002 -0.12 -38.43 -20.01
C ALA A 1002 0.47 -39.83 -20.15
N PRO A 1003 0.65 -40.32 -21.38
CA PRO A 1003 1.38 -41.58 -21.56
C PRO A 1003 2.83 -41.42 -21.12
N ALA A 1004 3.47 -42.55 -20.86
CA ALA A 1004 4.87 -42.52 -20.42
C ALA A 1004 5.75 -41.73 -21.39
N SER A 1005 5.58 -41.97 -22.68
CA SER A 1005 6.38 -41.30 -23.70
C SER A 1005 5.65 -41.33 -25.03
N ILE A 1006 6.06 -40.44 -25.93
CA ILE A 1006 5.63 -40.43 -27.32
C ILE A 1006 6.85 -40.12 -28.18
N GLU A 1007 6.68 -40.28 -29.48
CA GLU A 1007 7.60 -39.77 -30.48
C GLU A 1007 6.88 -38.71 -31.30
N LEU A 1008 7.52 -37.57 -31.45
CA LEU A 1008 7.01 -36.51 -32.31
C LEU A 1008 7.83 -36.50 -33.57
N ALA A 1009 7.18 -36.73 -34.71
CA ALA A 1009 7.85 -36.53 -35.99
C ALA A 1009 8.30 -35.09 -36.13
N ARG A 1010 7.63 -34.18 -35.44
CA ARG A 1010 7.85 -32.76 -35.56
C ARG A 1010 7.48 -32.11 -34.24
N LEU A 1011 8.28 -31.12 -33.81
CA LEU A 1011 7.90 -30.34 -32.66
C LEU A 1011 6.54 -29.73 -32.92
N GLU A 1012 5.62 -29.89 -31.97
CA GLU A 1012 4.26 -29.36 -32.08
C GLU A 1012 3.80 -28.89 -30.71
N PRO A 1013 2.96 -27.85 -30.67
CA PRO A 1013 2.37 -27.45 -29.37
C PRO A 1013 1.56 -28.61 -28.82
N LEU A 1014 1.92 -29.06 -27.61
CA LEU A 1014 1.25 -30.22 -27.03
C LEU A 1014 -0.25 -29.98 -26.86
N ASP A 1015 -0.65 -28.74 -26.59
CA ASP A 1015 -2.07 -28.44 -26.42
C ASP A 1015 -2.88 -28.62 -27.70
N LYS A 1016 -2.23 -28.80 -28.85
CA LYS A 1016 -2.95 -29.12 -30.08
C LYS A 1016 -2.94 -30.62 -30.37
N SER A 1017 -2.51 -31.44 -29.43
CA SER A 1017 -2.38 -32.86 -29.69
C SER A 1017 -3.74 -33.54 -29.83
N ALA A 1018 -3.78 -34.58 -30.68
CA ALA A 1018 -4.95 -35.43 -30.78
C ALA A 1018 -5.16 -36.23 -29.50
N ASP A 1019 -4.10 -36.56 -28.79
CA ASP A 1019 -4.20 -37.35 -27.57
C ASP A 1019 -4.58 -36.44 -26.40
N PRO A 1020 -5.75 -36.66 -25.76
CA PRO A 1020 -6.14 -35.80 -24.63
C PRO A 1020 -5.17 -35.82 -23.47
N GLY A 1021 -4.49 -36.96 -23.22
CA GLY A 1021 -3.52 -37.00 -22.15
C GLY A 1021 -2.30 -36.14 -22.41
N VAL A 1022 -1.96 -35.93 -23.70
CA VAL A 1022 -0.90 -34.99 -24.06
C VAL A 1022 -1.46 -33.56 -24.14
N LYS A 1023 -2.63 -33.42 -24.77
CA LYS A 1023 -3.25 -32.10 -24.94
C LYS A 1023 -3.36 -31.36 -23.61
N TYR A 1024 -3.82 -32.04 -22.58
CA TYR A 1024 -4.12 -31.41 -21.30
C TYR A 1024 -3.02 -31.59 -20.29
N PHE A 1025 -1.83 -31.98 -20.73
CA PHE A 1025 -0.75 -32.26 -19.79
C PHE A 1025 -0.30 -30.99 -19.07
N SER A 1026 -0.17 -31.10 -17.74
CA SER A 1026 0.47 -30.09 -16.89
C SER A 1026 1.58 -30.79 -16.12
N GLY A 1027 2.79 -30.27 -16.22
CA GLY A 1027 3.90 -30.89 -15.52
C GLY A 1027 5.18 -30.68 -16.30
N ILE A 1028 6.10 -31.64 -16.17
CA ILE A 1028 7.40 -31.56 -16.82
C ILE A 1028 7.43 -32.60 -17.94
N ALA A 1029 7.55 -32.13 -19.17
CA ALA A 1029 7.78 -33.00 -20.33
C ALA A 1029 9.25 -32.94 -20.69
N THR A 1030 9.88 -34.10 -20.84
CA THR A 1030 11.31 -34.20 -21.10
C THR A 1030 11.54 -34.54 -22.57
N TYR A 1031 12.10 -33.59 -23.32
CA TYR A 1031 12.38 -33.79 -24.73
C TYR A 1031 13.82 -34.25 -24.91
N SER A 1032 14.01 -35.18 -25.84
CA SER A 1032 15.24 -35.96 -25.97
C SER A 1032 15.59 -36.06 -27.45
N ARG A 1033 16.88 -35.97 -27.75
CA ARG A 1033 17.37 -35.91 -29.12
C ARG A 1033 18.89 -35.88 -29.07
N ASN A 1034 19.51 -36.28 -30.18
CA ASN A 1034 20.93 -36.05 -30.44
C ASN A 1034 21.10 -34.98 -31.51
N PHE A 1035 22.30 -34.42 -31.57
CA PHE A 1035 22.62 -33.42 -32.58
C PHE A 1035 24.13 -33.35 -32.76
N ARG A 1036 24.55 -32.99 -33.97
CA ARG A 1036 25.96 -32.98 -34.34
C ARG A 1036 26.52 -31.56 -34.26
N VAL A 1037 27.77 -31.47 -33.78
CA VAL A 1037 28.49 -30.21 -33.66
C VAL A 1037 29.82 -30.38 -34.41
N THR A 1038 30.11 -29.45 -35.30
CA THR A 1038 31.37 -29.48 -36.03
C THR A 1038 32.16 -28.20 -35.81
N GLY A 1039 32.44 -27.86 -34.55
CA GLY A 1039 33.19 -26.66 -34.26
C GLY A 1039 33.82 -26.78 -32.90
N LYS A 1040 34.76 -25.88 -32.64
CA LYS A 1040 35.32 -25.69 -31.30
C LYS A 1040 34.72 -24.40 -30.75
N TYR A 1041 34.29 -24.44 -29.49
CA TYR A 1041 33.57 -23.32 -28.91
C TYR A 1041 34.15 -23.00 -27.54
N GLY A 1042 33.76 -21.82 -27.05
CA GLY A 1042 34.30 -21.28 -25.82
C GLY A 1042 35.43 -20.30 -26.09
N GLU A 1043 36.48 -20.78 -26.74
CA GLU A 1043 37.69 -20.00 -26.98
C GLU A 1043 37.48 -18.90 -28.01
N GLY A 1044 36.60 -17.94 -27.71
CA GLY A 1044 36.39 -16.78 -28.58
C GLY A 1044 35.22 -16.89 -29.53
N ARG A 1045 34.60 -18.06 -29.64
CA ARG A 1045 33.40 -18.25 -30.43
C ARG A 1045 32.40 -19.03 -29.58
N SER A 1046 31.20 -18.48 -29.41
CA SER A 1046 30.19 -19.12 -28.59
C SER A 1046 29.14 -19.77 -29.48
N LEU A 1047 28.43 -20.74 -28.90
CA LEU A 1047 27.36 -21.46 -29.57
C LEU A 1047 26.13 -21.35 -28.69
N TRP A 1048 25.06 -20.78 -29.23
CA TRP A 1048 23.82 -20.60 -28.49
C TRP A 1048 22.77 -21.59 -28.99
N LEU A 1049 21.97 -22.10 -28.06
CA LEU A 1049 20.80 -22.89 -28.35
C LEU A 1049 19.58 -21.99 -28.17
N ASP A 1050 18.86 -21.73 -29.25
CA ASP A 1050 17.65 -20.93 -29.18
C ASP A 1050 16.45 -21.86 -29.31
N LEU A 1051 15.58 -21.85 -28.30
CA LEU A 1051 14.46 -22.80 -28.25
C LEU A 1051 13.21 -22.29 -28.95
N GLY A 1052 13.18 -21.06 -29.43
CA GLY A 1052 11.96 -20.56 -30.03
C GLY A 1052 10.87 -20.40 -28.98
N ARG A 1053 9.64 -20.73 -29.35
CA ARG A 1053 8.54 -20.64 -28.41
C ARG A 1053 8.61 -21.81 -27.44
N VAL A 1054 8.43 -21.51 -26.17
CA VAL A 1054 8.47 -22.49 -25.10
C VAL A 1054 7.34 -22.23 -24.14
N GLY A 1055 6.58 -23.26 -23.80
CA GLY A 1055 5.48 -23.14 -22.88
C GLY A 1055 5.73 -24.01 -21.68
N ASP A 1056 6.27 -23.49 -20.59
CA ASP A 1056 6.61 -22.10 -20.42
C ASP A 1056 8.06 -21.83 -20.03
N LEU A 1057 8.79 -22.84 -19.61
CA LEU A 1057 10.18 -22.70 -19.25
C LEU A 1057 10.84 -24.00 -19.53
N ALA A 1058 12.13 -23.98 -19.73
CA ALA A 1058 12.85 -25.17 -20.05
C ALA A 1058 14.25 -25.27 -19.52
N GLN A 1059 14.52 -26.37 -18.88
CA GLN A 1059 15.86 -26.65 -18.36
C GLN A 1059 16.57 -27.55 -19.38
N VAL A 1060 17.79 -27.17 -19.76
CA VAL A 1060 18.49 -27.81 -20.87
C VAL A 1060 19.77 -28.48 -20.36
N SER A 1061 19.95 -29.74 -20.71
CA SER A 1061 21.15 -30.50 -20.45
C SER A 1061 21.78 -30.94 -21.76
N VAL A 1062 23.06 -30.65 -21.93
CA VAL A 1062 23.81 -31.02 -23.13
C VAL A 1062 24.91 -31.98 -22.69
N ASN A 1063 24.92 -33.18 -23.25
CA ASN A 1063 25.79 -34.27 -22.79
C ASN A 1063 25.76 -34.39 -21.27
N GLY A 1064 24.55 -34.40 -20.72
CA GLY A 1064 24.35 -34.54 -19.30
C GLY A 1064 24.67 -33.32 -18.46
N VAL A 1065 25.13 -32.23 -19.07
CA VAL A 1065 25.53 -31.04 -18.35
C VAL A 1065 24.39 -30.03 -18.41
N ASP A 1066 23.97 -29.55 -17.24
CA ASP A 1066 22.95 -28.52 -17.13
C ASP A 1066 23.52 -27.19 -17.59
N VAL A 1067 23.03 -26.68 -18.71
CA VAL A 1067 23.52 -25.41 -19.24
C VAL A 1067 22.63 -24.24 -18.82
N GLY A 1068 21.68 -24.46 -17.93
CA GLY A 1068 20.79 -23.43 -17.46
C GLY A 1068 19.35 -23.78 -17.81
N THR A 1069 18.45 -22.88 -17.40
CA THR A 1069 17.07 -23.02 -17.80
C THR A 1069 16.53 -21.69 -18.30
N ALA A 1070 15.87 -21.75 -19.45
CA ALA A 1070 15.31 -20.58 -20.11
C ALA A 1070 13.85 -20.47 -19.72
N TRP A 1071 13.48 -19.35 -19.09
CA TRP A 1071 12.12 -19.19 -18.59
C TRP A 1071 11.41 -17.94 -19.12
N HIS A 1072 12.03 -17.20 -20.05
CA HIS A 1072 11.34 -16.10 -20.71
C HIS A 1072 12.02 -15.85 -22.04
N ALA A 1073 11.33 -15.13 -22.92
CA ALA A 1073 11.82 -14.92 -24.27
C ALA A 1073 12.83 -13.78 -24.29
N PRO A 1074 13.91 -13.91 -25.09
CA PRO A 1074 14.18 -15.09 -25.92
C PRO A 1074 14.76 -16.27 -25.14
N TYR A 1075 14.20 -17.45 -25.39
CA TYR A 1075 14.59 -18.69 -24.73
C TYR A 1075 15.89 -19.16 -25.36
N ARG A 1076 17.00 -18.64 -24.85
CA ARG A 1076 18.28 -18.89 -25.49
C ARG A 1076 19.32 -19.17 -24.41
N LEU A 1077 20.14 -20.20 -24.62
CA LEU A 1077 21.15 -20.58 -23.67
C LEU A 1077 22.50 -20.79 -24.37
N ASP A 1078 23.57 -20.46 -23.66
CA ASP A 1078 24.92 -20.61 -24.17
C ASP A 1078 25.41 -22.04 -23.91
N ILE A 1079 25.55 -22.82 -24.98
CA ILE A 1079 25.97 -24.21 -24.85
C ILE A 1079 27.40 -24.45 -25.31
N GLY A 1080 28.10 -23.41 -25.77
CA GLY A 1080 29.43 -23.59 -26.36
C GLY A 1080 30.39 -24.41 -25.52
N LYS A 1081 30.27 -24.34 -24.19
CA LYS A 1081 31.19 -25.03 -23.28
C LYS A 1081 30.79 -26.46 -23.03
N ALA A 1082 29.53 -26.81 -23.21
CA ALA A 1082 29.06 -28.15 -22.91
C ALA A 1082 29.08 -29.10 -24.11
N VAL A 1083 29.19 -28.58 -25.33
CA VAL A 1083 29.14 -29.45 -26.51
C VAL A 1083 30.49 -30.12 -26.73
N ARG A 1084 30.46 -31.19 -27.52
CA ARG A 1084 31.64 -31.90 -27.94
C ARG A 1084 31.61 -32.03 -29.45
N LYS A 1085 32.75 -32.36 -30.02
CA LYS A 1085 32.86 -32.59 -31.43
C LYS A 1085 32.06 -33.83 -31.80
N GLY A 1086 31.24 -33.77 -32.81
CA GLY A 1086 30.46 -34.93 -33.21
C GLY A 1086 29.07 -34.98 -32.61
N GLN A 1087 28.61 -36.17 -32.25
CA GLN A 1087 27.26 -36.33 -31.73
C GLN A 1087 27.19 -35.87 -30.28
N ASN A 1088 26.13 -35.12 -29.97
CA ASN A 1088 25.85 -34.59 -28.64
C ASN A 1088 24.45 -35.01 -28.22
N THR A 1089 24.26 -35.30 -26.94
CA THR A 1089 22.94 -35.60 -26.43
C THR A 1089 22.31 -34.31 -25.94
N LEU A 1090 21.01 -34.20 -26.11
CA LEU A 1090 20.23 -33.01 -25.76
C LEU A 1090 19.00 -33.49 -25.01
N GLU A 1091 18.79 -32.94 -23.80
CA GLU A 1091 17.59 -33.21 -23.01
C GLU A 1091 17.05 -31.88 -22.53
N ILE A 1092 15.76 -31.66 -22.73
CA ILE A 1092 15.12 -30.39 -22.45
C ILE A 1092 13.89 -30.66 -21.62
N ARG A 1093 13.90 -30.24 -20.36
CA ARG A 1093 12.79 -30.49 -19.45
C ARG A 1093 11.92 -29.25 -19.48
N VAL A 1094 10.75 -29.35 -20.10
CA VAL A 1094 9.82 -28.23 -20.23
C VAL A 1094 8.71 -28.38 -19.21
N ALA A 1095 8.50 -27.34 -18.41
CA ALA A 1095 7.41 -27.26 -17.45
C ALA A 1095 6.40 -26.24 -17.95
N ASN A 1096 5.11 -26.53 -17.74
CA ASN A 1096 4.05 -25.56 -18.02
C ASN A 1096 3.26 -25.34 -16.73
N THR A 1097 2.13 -24.65 -16.84
CA THR A 1097 1.26 -24.38 -15.70
C THR A 1097 0.22 -25.51 -15.55
N TRP A 1098 -0.51 -25.46 -14.42
CA TRP A 1098 -1.60 -26.39 -14.18
C TRP A 1098 -2.83 -26.12 -15.02
N VAL A 1099 -2.85 -25.04 -15.80
CA VAL A 1099 -4.09 -24.57 -16.42
C VAL A 1099 -4.70 -25.68 -17.30
N ASN A 1100 -3.88 -26.31 -18.12
CA ASN A 1100 -4.40 -27.21 -19.14
C ASN A 1100 -4.97 -28.48 -18.53
N ARG A 1101 -4.28 -29.05 -17.52
CA ARG A 1101 -4.80 -30.23 -16.84
C ARG A 1101 -6.06 -29.90 -16.04
N LEU A 1102 -6.17 -28.66 -15.56
CA LEU A 1102 -7.40 -28.23 -14.92
C LEU A 1102 -8.54 -28.18 -15.92
N ILE A 1103 -8.30 -27.55 -17.08
CA ILE A 1103 -9.30 -27.57 -18.14
C ILE A 1103 -9.60 -29.00 -18.56
N GLY A 1104 -8.56 -29.82 -18.73
CA GLY A 1104 -8.77 -31.20 -19.14
C GLY A 1104 -9.66 -31.97 -18.19
N ASP A 1105 -9.67 -31.59 -16.90
CA ASP A 1105 -10.49 -32.29 -15.92
C ASP A 1105 -11.94 -31.90 -15.98
N GLN A 1106 -12.28 -30.81 -16.67
CA GLN A 1106 -13.66 -30.41 -16.88
C GLN A 1106 -14.29 -31.08 -18.08
N GLN A 1107 -13.52 -31.81 -18.87
CA GLN A 1107 -14.05 -32.41 -20.09
C GLN A 1107 -14.96 -33.59 -19.74
N GLU A 1108 -16.03 -33.75 -20.51
CA GLU A 1108 -16.91 -34.90 -20.33
C GLU A 1108 -16.13 -36.20 -20.42
N GLY A 1109 -16.33 -37.07 -19.43
CA GLY A 1109 -15.65 -38.34 -19.37
C GLY A 1109 -14.28 -38.31 -18.75
N ALA A 1110 -13.86 -37.17 -18.23
CA ALA A 1110 -12.49 -37.01 -17.77
C ALA A 1110 -12.20 -37.85 -16.53
N GLN A 1111 -11.07 -38.56 -16.57
CA GLN A 1111 -10.43 -39.12 -15.38
C GLN A 1111 -9.65 -37.99 -14.71
N LYS A 1112 -10.07 -37.62 -13.51
CA LYS A 1112 -9.62 -36.37 -12.91
C LYS A 1112 -8.26 -36.51 -12.24
N ILE A 1113 -7.30 -35.72 -12.69
CA ILE A 1113 -5.98 -35.68 -12.09
C ILE A 1113 -5.93 -34.68 -10.94
N THR A 1114 -6.63 -33.56 -11.06
CA THR A 1114 -6.44 -32.44 -10.16
C THR A 1114 -7.52 -32.40 -9.08
N TRP A 1115 -7.17 -31.71 -8.00
CA TRP A 1115 -8.10 -31.29 -6.96
C TRP A 1115 -7.83 -29.84 -6.62
N THR A 1116 -8.89 -29.03 -6.60
CA THR A 1116 -8.87 -27.68 -6.06
C THR A 1116 -10.11 -27.51 -5.20
N ALA A 1117 -10.07 -26.49 -4.31
CA ALA A 1117 -11.19 -26.26 -3.40
C ALA A 1117 -12.45 -25.84 -4.16
N PRO A 1119 -14.12 -24.51 -8.19
CA PRO A 1119 -13.82 -24.74 -9.61
C PRO A 1119 -13.00 -23.59 -10.17
N THR A 1120 -12.16 -23.91 -11.16
CA THR A 1120 -11.21 -22.96 -11.70
C THR A 1120 -11.52 -22.58 -13.14
N TYR A 1121 -11.70 -23.56 -14.02
CA TYR A 1121 -11.94 -23.26 -15.43
C TYR A 1121 -13.16 -24.03 -15.93
N ARG A 1122 -13.83 -23.42 -16.88
CA ARG A 1122 -14.86 -24.10 -17.65
C ARG A 1122 -14.23 -24.97 -18.72
N ALA A 1123 -14.95 -26.01 -19.15
CA ALA A 1123 -14.45 -26.84 -20.23
C ALA A 1123 -14.23 -26.05 -21.50
N ASP A 1124 -14.89 -24.88 -21.63
CA ASP A 1124 -14.66 -23.96 -22.74
C ASP A 1124 -13.22 -23.50 -22.80
N ALA A 1125 -12.58 -23.33 -21.64
CA ALA A 1125 -11.46 -22.41 -21.48
C ALA A 1125 -10.39 -22.68 -22.51
N PRO A 1126 -9.82 -21.65 -23.11
CA PRO A 1126 -8.75 -21.86 -24.09
C PRO A 1126 -7.49 -22.35 -23.39
N LEU A 1127 -6.84 -23.34 -24.00
CA LEU A 1127 -5.61 -23.87 -23.42
C LEU A 1127 -4.45 -22.88 -23.59
N ARG A 1128 -3.43 -23.04 -22.73
CA ARG A 1128 -2.21 -22.26 -22.92
C ARG A 1128 -1.25 -23.03 -23.82
N PRO A 1129 -0.47 -22.37 -24.68
CA PRO A 1129 0.52 -23.09 -25.46
C PRO A 1129 1.43 -23.89 -24.53
N SER A 1130 1.72 -25.13 -24.91
CA SER A 1130 2.39 -26.06 -24.02
C SER A 1130 3.55 -26.77 -24.72
N GLY A 1131 4.63 -26.99 -23.97
CA GLY A 1131 5.75 -27.79 -24.42
C GLY A 1131 6.81 -27.01 -25.17
N LEU A 1132 7.66 -27.77 -25.87
CA LEU A 1132 8.75 -27.23 -26.66
C LEU A 1132 8.19 -26.99 -28.06
N ILE A 1133 7.82 -25.74 -28.36
CA ILE A 1133 7.19 -25.44 -29.64
C ILE A 1133 8.23 -25.14 -30.73
N GLY A 1134 9.35 -24.51 -30.36
CA GLY A 1134 10.38 -24.18 -31.33
C GLY A 1134 10.11 -23.01 -32.25
N PRO A 1135 10.86 -22.93 -33.37
CA PRO A 1135 11.90 -23.90 -33.75
C PRO A 1135 13.14 -23.82 -32.86
N VAL A 1136 13.85 -24.94 -32.73
CA VAL A 1136 15.06 -25.03 -31.93
C VAL A 1136 16.25 -24.86 -32.87
N ARG A 1137 17.09 -23.86 -32.61
CA ARG A 1137 18.16 -23.50 -33.53
C ARG A 1137 19.49 -23.40 -32.79
N LEU A 1138 20.54 -23.82 -33.47
CA LEU A 1138 21.90 -23.57 -33.04
C LEU A 1138 22.40 -22.32 -33.73
N ILE A 1139 23.01 -21.42 -32.96
CA ILE A 1139 23.41 -20.11 -33.45
C ILE A 1139 24.84 -19.80 -33.01
N GLU A 1140 25.68 -19.43 -33.95
CA GLU A 1140 27.05 -19.07 -33.66
C GLU A 1140 27.28 -17.57 -33.74
N GLU A 1141 28.21 -17.07 -32.94
CA GLU A 1141 28.60 -15.66 -32.97
C GLU A 1141 29.73 -15.41 -33.95
#